data_4AP5
#
_entry.id   4AP5
#
_cell.length_a   118.628
_cell.length_b   118.628
_cell.length_c   196.227
_cell.angle_alpha   90.00
_cell.angle_beta   90.00
_cell.angle_gamma   120.00
#
_symmetry.space_group_name_H-M   'P 32 2 1'
#
loop_
_entity.id
_entity.type
_entity.pdbx_description
1 polymer 'GDP-FUCOSE PROTEIN O-FUCOSYLTRANSFERASE 2'
2 non-polymer 2-acetamido-2-deoxy-beta-D-glucopyranose
3 non-polymer 'CHLORIDE ION'
4 non-polymer 'MAGNESIUM ION'
5 water water
#
_entity_poly.entity_id   1
_entity_poly.type   'polypeptide(L)'
_entity_poly.pdbx_seq_one_letter_code
;SGQEFWPGQSAADILSGAASRRRYLLYDVNPPEGFNLRRDVYIRIASLLKTLLKTEEWVLVLPPWGRLYHWQSPDIHQVR
IPWSEFFDLPSLNKNIPVIEYEQFIAESGGPFIDQVYVLQSYAEGWKEGTWEEKVDERPCIDQLLYSQDKHEYYRGWFWG
YEETRGLNVSCLSVQGSASIVAPLLLRNTSARSVMLDRAENLLHDHYGGKEYWDTRRSMVFARHLREVGDEFRSRHLNST
DDADRIPFQEDWMKMKVKLGSALGGPYLGVHLRRKDFIWGHRQDVPSLEGAVRKIRSLMKTHRLDKVFVATDAVRKEYEE
LKKLLPEMVRFEPTWEELELYKDGGVAIIDQWICAHARFFIGTSVSTFSFRIHEEREILGLDPKTTYNRFCGDQEKACEQ
PTHWKITY
;
_entity_poly.pdbx_strand_id   A,B
#
# COMPACT_ATOMS: atom_id res chain seq x y z
N SER A 20 29.74 2.17 25.10
CA SER A 20 29.74 1.35 23.90
C SER A 20 28.33 0.96 23.45
N ARG A 21 27.32 1.35 24.23
CA ARG A 21 25.96 0.99 23.89
C ARG A 21 25.38 2.09 23.04
N ARG A 22 25.21 1.78 21.77
CA ARG A 22 24.80 2.77 20.80
C ARG A 22 23.37 2.53 20.39
N ARG A 23 22.86 3.42 19.54
CA ARG A 23 21.46 3.37 19.13
C ARG A 23 21.33 3.14 17.63
N TYR A 24 20.24 2.48 17.25
CA TYR A 24 20.06 2.05 15.88
C TYR A 24 18.93 2.80 15.18
N LEU A 25 19.24 3.40 14.04
CA LEU A 25 18.23 4.03 13.19
C LEU A 25 17.88 3.12 12.01
N LEU A 26 16.58 2.95 11.76
CA LEU A 26 16.11 2.15 10.64
C LEU A 26 15.01 2.90 9.91
N TYR A 27 14.85 2.68 8.62
CA TYR A 27 13.78 3.36 7.91
C TYR A 27 13.18 2.49 6.81
N ASP A 28 12.01 2.88 6.34
CA ASP A 28 11.47 2.32 5.13
C ASP A 28 10.73 3.41 4.39
N VAL A 29 10.40 3.13 3.12
CA VAL A 29 9.79 4.11 2.24
C VAL A 29 8.44 3.59 1.75
N ASN A 30 7.54 4.51 1.43
CA ASN A 30 6.23 4.15 0.92
C ASN A 30 6.35 3.20 -0.26
N PRO A 31 5.74 2.03 -0.16
CA PRO A 31 5.95 0.93 -1.11
C PRO A 31 5.91 1.26 -2.61
N PRO A 32 5.06 2.21 -3.04
CA PRO A 32 5.09 2.45 -4.49
C PRO A 32 6.38 3.04 -5.03
N GLU A 33 7.20 3.64 -4.18
CA GLU A 33 8.41 4.34 -4.61
C GLU A 33 9.47 3.41 -5.15
N GLY A 34 10.18 3.89 -6.19
CA GLY A 34 11.18 3.10 -6.87
C GLY A 34 12.59 3.16 -6.32
N PHE A 35 13.46 2.33 -6.90
CA PHE A 35 14.87 2.21 -6.52
C PHE A 35 15.56 3.57 -6.40
N ASN A 36 15.41 4.40 -7.41
CA ASN A 36 16.13 5.67 -7.40
C ASN A 36 15.58 6.71 -6.47
N LEU A 37 14.31 6.60 -6.07
CA LEU A 37 13.83 7.49 -5.04
C LEU A 37 14.38 7.04 -3.70
N ARG A 38 14.36 5.73 -3.48
CA ARG A 38 14.96 5.19 -2.27
C ARG A 38 16.43 5.65 -2.08
N ARG A 39 17.20 5.72 -3.16
CA ARG A 39 18.56 6.20 -3.02
C ARG A 39 18.58 7.63 -2.49
N ASP A 40 17.59 8.44 -2.88
CA ASP A 40 17.54 9.82 -2.41
C ASP A 40 17.14 9.91 -0.93
N VAL A 41 16.06 9.23 -0.55
CA VAL A 41 15.62 9.21 0.84
C VAL A 41 16.78 8.83 1.74
N TYR A 42 17.62 7.91 1.25
CA TYR A 42 18.79 7.46 1.99
C TYR A 42 19.67 8.63 2.41
N ILE A 43 19.89 9.57 1.49
CA ILE A 43 20.68 10.74 1.81
C ILE A 43 19.92 11.62 2.80
N ARG A 44 18.59 11.65 2.66
CA ARG A 44 17.74 12.38 3.59
C ARG A 44 17.95 11.86 5.01
N ILE A 45 17.91 10.54 5.15
CA ILE A 45 18.11 9.90 6.44
C ILE A 45 19.53 10.08 6.96
N ALA A 46 20.51 10.03 6.07
CA ALA A 46 21.89 10.23 6.48
C ALA A 46 22.14 11.65 7.03
N SER A 47 21.49 12.65 6.44
CA SER A 47 21.55 14.01 6.96
C SER A 47 21.19 13.98 8.44
N LEU A 48 20.02 13.42 8.74
CA LEU A 48 19.52 13.28 10.10
C LEU A 48 20.52 12.63 11.07
N LEU A 49 21.01 11.46 10.68
CA LEU A 49 21.93 10.67 11.50
C LEU A 49 23.18 11.46 11.84
N LYS A 50 23.65 12.25 10.89
CA LYS A 50 24.80 13.10 11.14
C LYS A 50 24.44 14.10 12.24
N THR A 51 23.23 14.63 12.17
CA THR A 51 22.76 15.57 13.17
C THR A 51 22.69 14.88 14.52
N LEU A 52 22.23 13.63 14.53
CA LEU A 52 22.18 12.85 15.77
C LEU A 52 23.58 12.62 16.35
N LEU A 53 24.54 12.35 15.48
CA LEU A 53 25.87 11.94 15.93
C LEU A 53 26.64 13.05 16.65
N LYS A 54 26.12 14.27 16.57
CA LYS A 54 26.68 15.41 17.27
C LYS A 54 26.47 15.27 18.78
N THR A 55 25.51 14.45 19.16
CA THR A 55 25.07 14.31 20.54
C THR A 55 25.39 12.93 21.09
N GLU A 56 24.83 11.93 20.43
CA GLU A 56 24.90 10.54 20.87
C GLU A 56 25.50 9.66 19.81
N GLU A 57 25.87 8.46 20.23
CA GLU A 57 26.34 7.42 19.34
C GLU A 57 25.15 6.77 18.64
N TRP A 58 25.11 6.86 17.32
CA TRP A 58 24.09 6.17 16.54
C TRP A 58 24.76 5.49 15.38
N VAL A 59 24.03 4.56 14.77
CA VAL A 59 24.48 3.95 13.52
C VAL A 59 23.24 3.70 12.68
N LEU A 60 23.35 3.95 11.37
CA LEU A 60 22.26 3.69 10.43
C LEU A 60 22.24 2.24 9.95
N VAL A 61 21.07 1.61 10.00
CA VAL A 61 20.90 0.25 9.52
C VAL A 61 20.28 0.28 8.11
N LEU A 62 21.01 -0.25 7.14
CA LEU A 62 20.59 -0.16 5.74
C LEU A 62 19.41 -1.08 5.44
N PRO A 63 18.30 -0.49 5.02
CA PRO A 63 17.13 -1.32 4.74
C PRO A 63 17.36 -2.25 3.57
N PRO A 64 17.11 -3.55 3.75
CA PRO A 64 17.24 -4.54 2.70
C PRO A 64 16.38 -4.20 1.49
N TRP A 65 17.00 -4.37 0.32
CA TRP A 65 16.33 -4.13 -0.95
C TRP A 65 15.30 -5.20 -1.33
N GLY A 66 14.44 -4.83 -2.26
CA GLY A 66 13.36 -5.70 -2.67
C GLY A 66 12.07 -5.12 -2.17
N ARG A 67 11.00 -5.39 -2.93
N ARG A 67 11.00 -5.39 -2.92
CA ARG A 67 9.79 -4.60 -2.80
CA ARG A 67 9.79 -4.62 -2.74
C ARG A 67 8.58 -5.47 -2.44
C ARG A 67 8.59 -5.49 -2.40
N LEU A 68 7.66 -4.89 -1.67
CA LEU A 68 6.49 -5.60 -1.22
C LEU A 68 5.71 -6.15 -2.40
N TYR A 69 5.72 -5.39 -3.49
CA TYR A 69 4.93 -5.80 -4.64
C TYR A 69 5.89 -6.64 -5.49
N HIS A 70 5.67 -7.95 -5.46
CA HIS A 70 6.64 -8.88 -6.01
C HIS A 70 6.49 -8.96 -7.51
N TRP A 71 5.33 -8.52 -7.99
CA TRP A 71 5.00 -8.62 -9.40
C TRP A 71 5.71 -7.51 -10.19
N GLN A 72 6.15 -6.45 -9.50
CA GLN A 72 6.89 -5.36 -10.12
C GLN A 72 8.18 -5.81 -10.81
N SER A 73 8.77 -6.90 -10.33
CA SER A 73 9.98 -7.48 -10.90
C SER A 73 9.70 -8.90 -11.38
N PRO A 74 9.11 -9.04 -12.60
CA PRO A 74 8.60 -10.31 -13.13
C PRO A 74 9.60 -11.49 -13.20
N ASP A 75 9.12 -12.65 -12.76
CA ASP A 75 9.81 -13.95 -12.88
C ASP A 75 11.07 -14.13 -12.04
N ILE A 76 11.58 -13.03 -11.48
CA ILE A 76 12.73 -13.08 -10.60
C ILE A 76 12.35 -12.49 -9.25
N HIS A 77 12.63 -13.22 -8.18
CA HIS A 77 12.29 -12.63 -6.91
C HIS A 77 13.40 -11.74 -6.36
N GLN A 78 13.06 -10.47 -6.15
CA GLN A 78 14.00 -9.53 -5.60
C GLN A 78 13.61 -9.36 -4.16
N VAL A 79 14.38 -9.95 -3.26
CA VAL A 79 13.98 -9.98 -1.86
C VAL A 79 15.17 -10.04 -0.88
N ARG A 80 15.07 -9.30 0.23
CA ARG A 80 16.10 -9.35 1.26
C ARG A 80 17.52 -9.18 0.69
N ILE A 81 17.68 -8.20 -0.18
CA ILE A 81 18.94 -7.91 -0.84
C ILE A 81 19.81 -6.89 -0.11
N PRO A 82 20.97 -7.34 0.37
CA PRO A 82 21.87 -6.42 1.07
C PRO A 82 22.41 -5.36 0.13
N TRP A 83 22.66 -4.18 0.67
CA TRP A 83 23.20 -3.05 -0.06
C TRP A 83 24.50 -3.42 -0.76
N SER A 84 25.21 -4.37 -0.19
CA SER A 84 26.53 -4.73 -0.69
C SER A 84 26.47 -5.14 -2.15
N GLU A 85 25.28 -5.53 -2.61
CA GLU A 85 25.05 -6.00 -3.98
C GLU A 85 24.93 -4.87 -5.01
N PHE A 86 24.87 -3.66 -4.50
CA PHE A 86 24.62 -2.43 -5.24
C PHE A 86 25.75 -1.43 -4.97
N PHE A 87 25.98 -1.16 -3.68
CA PHE A 87 26.93 -0.14 -3.26
C PHE A 87 28.07 -0.70 -2.46
N ASP A 88 29.12 0.10 -2.34
CA ASP A 88 30.36 -0.29 -1.65
C ASP A 88 30.28 0.15 -0.21
N LEU A 89 30.16 -0.81 0.71
CA LEU A 89 29.97 -0.45 2.12
C LEU A 89 31.06 0.43 2.73
N PRO A 90 32.34 0.10 2.48
CA PRO A 90 33.38 0.95 3.04
C PRO A 90 33.22 2.39 2.56
N SER A 91 32.70 2.53 1.35
CA SER A 91 32.57 3.84 0.77
C SER A 91 31.56 4.66 1.54
N LEU A 92 30.42 4.04 1.85
CA LEU A 92 29.38 4.71 2.63
C LEU A 92 29.89 4.99 4.03
N ASN A 93 30.57 4.00 4.62
CA ASN A 93 31.04 4.12 6.00
C ASN A 93 31.95 5.29 6.28
N LYS A 94 32.70 5.71 5.27
CA LYS A 94 33.62 6.83 5.42
C LYS A 94 32.82 8.11 5.68
N ASN A 95 31.53 8.07 5.34
CA ASN A 95 30.60 9.18 5.55
C ASN A 95 29.83 9.10 6.87
N ILE A 96 29.01 8.06 7.02
CA ILE A 96 28.31 7.82 8.26
C ILE A 96 28.48 6.37 8.70
N PRO A 97 28.40 6.11 10.01
CA PRO A 97 28.45 4.72 10.50
C PRO A 97 27.28 3.95 9.94
N VAL A 98 27.54 2.80 9.34
CA VAL A 98 26.48 2.10 8.63
C VAL A 98 26.66 0.59 8.74
N ILE A 99 25.56 -0.14 8.89
CA ILE A 99 25.62 -1.60 8.98
C ILE A 99 24.46 -2.27 8.23
N GLU A 100 24.67 -3.51 7.81
CA GLU A 100 23.59 -4.18 7.10
C GLU A 100 22.56 -4.72 8.09
N TYR A 101 21.31 -4.86 7.64
CA TYR A 101 20.24 -5.28 8.54
C TYR A 101 20.56 -6.63 9.14
N GLU A 102 21.10 -7.52 8.32
CA GLU A 102 21.43 -8.86 8.78
C GLU A 102 22.41 -8.77 9.96
N GLN A 103 23.25 -7.73 9.96
CA GLN A 103 24.19 -7.48 11.05
C GLN A 103 23.55 -6.85 12.29
N PHE A 104 22.56 -6.00 12.07
CA PHE A 104 21.77 -5.49 13.17
C PHE A 104 21.15 -6.69 13.87
N ILE A 105 20.58 -7.59 13.09
CA ILE A 105 19.92 -8.75 13.68
C ILE A 105 20.89 -9.54 14.56
N ALA A 106 22.16 -9.56 14.20
CA ALA A 106 23.13 -10.28 15.02
C ALA A 106 23.59 -9.52 16.27
N GLU A 107 23.83 -8.21 16.16
CA GLU A 107 24.27 -7.43 17.32
C GLU A 107 23.20 -7.29 18.41
N SER A 108 22.03 -6.78 18.05
CA SER A 108 20.89 -6.87 18.96
C SER A 108 20.50 -8.33 18.85
N GLY A 109 19.82 -8.87 19.85
CA GLY A 109 19.70 -10.32 19.91
C GLY A 109 18.99 -10.97 18.73
N GLY A 110 17.74 -10.57 18.50
CA GLY A 110 17.03 -10.98 17.29
C GLY A 110 16.81 -9.82 16.35
N PRO A 111 15.83 -9.97 15.44
CA PRO A 111 15.32 -8.87 14.61
C PRO A 111 14.27 -8.11 15.41
N PHE A 112 14.74 -7.38 16.41
CA PHE A 112 13.87 -6.63 17.32
C PHE A 112 14.08 -5.14 17.24
N ILE A 113 12.99 -4.45 16.89
CA ILE A 113 12.94 -3.00 16.83
C ILE A 113 12.09 -2.43 17.97
N ASP A 114 12.69 -1.58 18.81
CA ASP A 114 11.98 -1.03 19.97
C ASP A 114 10.81 -0.10 19.60
N GLN A 115 11.11 0.95 18.83
CA GLN A 115 10.08 1.91 18.46
C GLN A 115 9.93 2.06 16.94
N VAL A 116 8.70 1.95 16.45
CA VAL A 116 8.41 2.26 15.05
C VAL A 116 7.57 3.54 14.99
N TYR A 117 8.04 4.52 14.22
CA TYR A 117 7.30 5.75 13.99
C TYR A 117 6.87 5.86 12.55
N VAL A 118 5.58 5.83 12.30
CA VAL A 118 5.11 6.00 10.94
C VAL A 118 5.00 7.50 10.69
N LEU A 119 5.77 8.01 9.73
CA LEU A 119 5.69 9.43 9.40
C LEU A 119 4.45 9.71 8.58
N GLN A 120 3.88 10.89 8.77
CA GLN A 120 2.67 11.33 8.08
C GLN A 120 2.61 12.86 8.08
N SER A 121 1.77 13.42 7.23
CA SER A 121 1.61 14.87 7.27
C SER A 121 0.81 15.32 8.50
N TYR A 122 0.62 16.62 8.63
CA TYR A 122 -0.26 17.16 9.64
C TYR A 122 -1.68 17.17 9.08
N ALA A 123 -2.63 16.68 9.86
CA ALA A 123 -4.02 16.57 9.39
C ALA A 123 -4.66 17.94 9.22
N GLU A 124 -4.30 18.88 10.08
CA GLU A 124 -4.90 20.20 10.02
C GLU A 124 -4.50 20.94 8.75
N GLY A 125 -3.52 20.38 8.04
CA GLY A 125 -2.94 21.04 6.89
C GLY A 125 -2.26 22.33 7.31
N TRP A 126 -2.31 23.32 6.45
CA TRP A 126 -2.07 24.69 6.87
C TRP A 126 -2.69 25.62 5.84
N LYS A 127 -2.94 26.86 6.24
CA LYS A 127 -3.23 27.92 5.30
C LYS A 127 -1.87 28.55 5.02
N GLU A 128 -1.53 28.76 3.74
CA GLU A 128 -0.16 29.16 3.38
C GLU A 128 0.30 30.44 4.09
N GLY A 129 1.59 30.47 4.46
CA GLY A 129 2.15 31.48 5.33
C GLY A 129 2.31 30.93 6.75
N THR A 130 1.53 29.89 7.04
CA THR A 130 1.65 29.17 8.30
C THR A 130 2.81 28.17 8.28
N TRP A 131 3.16 27.66 7.10
CA TRP A 131 4.06 26.51 6.99
C TRP A 131 5.36 26.68 7.76
N GLU A 132 5.70 25.63 8.51
CA GLU A 132 6.71 25.71 9.52
C GLU A 132 7.34 24.32 9.61
N GLU A 133 8.64 24.23 9.83
CA GLU A 133 9.23 22.91 10.04
C GLU A 133 8.87 22.49 11.46
N LYS A 134 8.20 21.37 11.60
CA LYS A 134 7.81 20.89 12.91
C LYS A 134 7.58 19.39 12.92
N VAL A 135 7.64 18.80 14.10
CA VAL A 135 7.31 17.40 14.33
C VAL A 135 6.55 17.22 15.64
N ASP A 136 5.46 16.47 15.58
CA ASP A 136 4.60 16.20 16.73
C ASP A 136 4.00 14.79 16.71
N GLU A 137 3.97 14.12 17.86
CA GLU A 137 3.23 12.87 17.96
C GLU A 137 1.75 13.15 17.75
N ARG A 138 1.09 12.41 16.87
CA ARG A 138 -0.33 12.65 16.58
C ARG A 138 -1.09 11.35 16.38
N PRO A 139 -2.42 11.40 16.45
CA PRO A 139 -3.20 10.22 16.05
C PRO A 139 -2.88 9.83 14.62
N CYS A 140 -3.07 8.56 14.29
CA CYS A 140 -2.81 8.11 12.93
C CYS A 140 -3.90 8.52 11.98
N ILE A 141 -3.50 9.12 10.88
CA ILE A 141 -4.43 9.55 9.85
C ILE A 141 -4.96 8.35 9.06
N ASP A 142 -4.10 7.67 8.33
CA ASP A 142 -4.44 6.40 7.68
C ASP A 142 -4.32 5.31 8.72
N GLN A 143 -5.22 4.33 8.67
CA GLN A 143 -5.10 3.22 9.61
C GLN A 143 -3.79 2.49 9.42
N LEU A 144 -3.21 2.10 10.54
CA LEU A 144 -1.89 1.54 10.65
C LEU A 144 -1.67 0.21 9.88
N LEU A 145 -0.54 0.08 9.19
CA LEU A 145 -0.23 -1.19 8.51
C LEU A 145 0.56 -2.20 9.35
N TYR A 146 0.72 -1.89 10.63
CA TYR A 146 1.32 -2.83 11.58
C TYR A 146 0.21 -3.41 12.43
N SER A 147 0.36 -4.64 12.90
CA SER A 147 -0.64 -5.17 13.83
C SER A 147 -0.10 -6.19 14.85
N GLN A 148 -0.83 -6.39 15.93
CA GLN A 148 -0.30 -7.05 17.11
C GLN A 148 -0.57 -8.54 17.13
N ASP A 149 0.46 -9.32 17.45
CA ASP A 149 0.28 -10.76 17.55
C ASP A 149 -0.14 -11.19 18.95
N LYS A 150 -0.19 -12.49 19.18
CA LYS A 150 -0.59 -13.05 20.47
C LYS A 150 0.40 -12.65 21.57
N HIS A 151 1.59 -12.21 21.18
CA HIS A 151 2.61 -11.77 22.13
C HIS A 151 2.63 -10.26 22.38
N GLU A 152 1.68 -9.54 21.77
CA GLU A 152 1.63 -8.08 21.73
C GLU A 152 2.81 -7.45 21.01
N TYR A 153 3.49 -8.23 20.17
CA TYR A 153 4.49 -7.64 19.30
C TYR A 153 3.83 -7.15 18.04
N TYR A 154 4.38 -6.09 17.47
CA TYR A 154 3.85 -5.57 16.21
C TYR A 154 4.49 -6.28 15.03
N ARG A 155 3.64 -6.90 14.21
CA ARG A 155 4.02 -7.58 12.96
C ARG A 155 3.85 -6.56 11.83
N GLY A 156 4.69 -6.63 10.81
CA GLY A 156 4.58 -5.73 9.66
C GLY A 156 5.35 -6.19 8.43
N TRP A 157 5.43 -5.31 7.43
CA TRP A 157 6.25 -5.56 6.24
C TRP A 157 7.73 -5.77 6.55
N PHE A 158 8.35 -4.79 7.19
CA PHE A 158 9.72 -4.94 7.65
C PHE A 158 10.65 -5.51 6.59
N TRP A 159 10.57 -4.96 5.39
CA TRP A 159 11.54 -5.27 4.34
C TRP A 159 11.54 -6.74 3.97
N GLY A 160 10.44 -7.42 4.20
CA GLY A 160 10.35 -8.82 3.86
C GLY A 160 10.93 -9.78 4.89
N TYR A 161 11.46 -9.28 6.02
CA TYR A 161 11.95 -10.23 7.02
C TYR A 161 10.80 -10.54 7.99
N GLU A 162 10.22 -11.73 7.85
CA GLU A 162 8.87 -11.97 8.35
C GLU A 162 8.92 -12.06 9.86
N GLU A 163 10.12 -12.38 10.36
CA GLU A 163 10.27 -12.74 11.76
C GLU A 163 10.52 -11.49 12.61
N THR A 164 10.63 -10.35 11.94
CA THR A 164 10.84 -9.07 12.61
C THR A 164 9.65 -8.65 13.47
N ARG A 165 9.93 -8.04 14.63
CA ARG A 165 8.87 -7.54 15.52
C ARG A 165 9.18 -6.16 16.08
N GLY A 166 8.25 -5.21 15.91
CA GLY A 166 8.33 -3.96 16.64
C GLY A 166 7.70 -4.05 18.02
N LEU A 167 8.33 -3.42 19.01
CA LEU A 167 7.73 -3.41 20.37
C LEU A 167 6.59 -2.40 20.45
N ASN A 168 6.73 -1.28 19.74
CA ASN A 168 5.79 -0.18 19.77
C ASN A 168 5.67 0.53 18.43
N VAL A 169 4.46 0.93 18.06
CA VAL A 169 4.24 1.71 16.84
C VAL A 169 3.32 2.91 17.10
N SER A 170 3.61 4.03 16.45
CA SER A 170 2.74 5.19 16.54
C SER A 170 3.07 6.12 15.42
N CYS A 171 2.33 7.23 15.33
CA CYS A 171 2.51 8.13 14.20
C CYS A 171 3.08 9.46 14.58
N LEU A 172 3.98 9.95 13.73
CA LEU A 172 4.50 11.31 13.84
C LEU A 172 4.04 12.15 12.64
N SER A 173 3.32 13.24 12.92
CA SER A 173 3.07 14.24 11.90
C SER A 173 4.33 15.06 11.79
N VAL A 174 4.80 15.32 10.57
CA VAL A 174 6.12 15.94 10.40
C VAL A 174 6.12 16.89 9.21
N GLN A 175 6.95 17.94 9.28
CA GLN A 175 7.01 18.92 8.19
C GLN A 175 8.36 19.16 7.49
N GLY A 176 9.38 19.60 8.20
CA GLY A 176 10.55 20.11 7.49
C GLY A 176 11.61 19.14 6.97
N SER A 177 12.85 19.60 6.98
CA SER A 177 13.99 18.76 6.62
C SER A 177 14.15 17.63 7.63
N ALA A 178 14.85 16.58 7.22
CA ALA A 178 14.96 15.38 8.03
C ALA A 178 15.48 15.65 9.45
N SER A 179 16.40 16.59 9.59
CA SER A 179 16.97 16.80 10.91
C SER A 179 15.97 17.35 11.96
N ILE A 180 14.78 17.71 11.50
CA ILE A 180 13.74 18.24 12.39
C ILE A 180 13.35 17.22 13.45
N VAL A 181 13.65 15.96 13.17
CA VAL A 181 13.20 14.86 14.02
C VAL A 181 14.21 14.53 15.12
N ALA A 182 15.42 15.09 15.00
CA ALA A 182 16.49 14.69 15.92
C ALA A 182 16.28 15.05 17.40
N PRO A 183 15.83 16.29 17.70
CA PRO A 183 15.51 16.59 19.09
C PRO A 183 14.57 15.57 19.72
N LEU A 184 13.51 15.21 19.00
CA LEU A 184 12.56 14.24 19.54
C LEU A 184 13.22 12.88 19.83
N LEU A 185 13.98 12.35 18.88
CA LEU A 185 14.62 11.05 19.07
C LEU A 185 15.65 11.08 20.19
N LEU A 186 16.28 12.24 20.37
CA LEU A 186 17.31 12.40 21.39
C LEU A 186 16.76 12.53 22.82
N ARG A 187 15.47 12.87 22.93
CA ARG A 187 14.77 12.98 24.22
C ARG A 187 14.41 11.62 24.85
N ASN A 188 13.59 10.78 24.18
CA ASN A 188 13.24 9.51 24.81
C ASN A 188 14.32 8.56 24.38
N THR A 189 15.18 8.26 25.35
CA THR A 189 16.41 7.55 25.09
C THR A 189 16.16 6.06 25.39
N SER A 190 14.94 5.81 25.84
CA SER A 190 14.48 4.48 26.17
C SER A 190 14.63 3.50 25.01
N ALA A 191 14.54 4.02 23.79
CA ALA A 191 14.49 3.16 22.60
C ALA A 191 15.87 2.92 21.99
N ARG A 192 16.34 1.67 22.08
CA ARG A 192 17.65 1.32 21.57
C ARG A 192 17.61 1.36 20.04
N SER A 193 16.44 1.05 19.49
CA SER A 193 16.29 1.00 18.06
C SER A 193 15.00 1.67 17.63
N VAL A 194 15.14 2.65 16.75
CA VAL A 194 14.00 3.42 16.27
C VAL A 194 13.94 3.31 14.76
N MET A 195 12.75 3.07 14.25
CA MET A 195 12.51 2.98 12.82
C MET A 195 11.54 4.05 12.33
N LEU A 196 11.93 4.77 11.29
CA LEU A 196 11.01 5.71 10.67
C LEU A 196 10.45 5.12 9.38
N ASP A 197 9.18 4.74 9.42
CA ASP A 197 8.46 4.30 8.22
C ASP A 197 7.99 5.52 7.44
N ARG A 198 7.81 5.36 6.14
CA ARG A 198 7.38 6.45 5.27
C ARG A 198 8.36 7.61 5.35
N ALA A 199 9.65 7.31 5.32
CA ALA A 199 10.68 8.34 5.37
C ALA A 199 10.65 9.34 4.22
N GLU A 200 9.93 9.03 3.14
CA GLU A 200 9.80 9.99 2.05
C GLU A 200 9.17 11.30 2.53
N ASN A 201 8.41 11.25 3.64
CA ASN A 201 7.86 12.47 4.24
C ASN A 201 8.92 13.51 4.63
N LEU A 202 10.10 13.05 5.03
CA LEU A 202 11.20 13.95 5.37
C LEU A 202 11.79 14.61 4.15
N LEU A 203 12.07 15.91 4.25
CA LEU A 203 12.78 16.60 3.17
C LEU A 203 14.28 16.54 3.38
N HIS A 204 15.03 17.05 2.41
CA HIS A 204 16.47 17.15 2.56
C HIS A 204 16.74 18.31 3.50
N ASP A 205 17.81 18.22 4.29
CA ASP A 205 18.23 19.41 5.03
C ASP A 205 18.52 20.58 4.07
N HIS A 206 19.64 20.46 3.35
CA HIS A 206 19.97 21.39 2.28
C HIS A 206 20.54 20.58 1.10
N TYR A 207 19.86 20.62 -0.04
CA TYR A 207 20.11 19.63 -1.09
C TYR A 207 21.38 19.81 -1.93
N GLY A 208 21.68 21.01 -2.41
CA GLY A 208 22.86 21.15 -3.24
C GLY A 208 24.15 21.30 -2.44
N GLY A 209 24.08 20.93 -1.17
CA GLY A 209 25.05 21.36 -0.18
C GLY A 209 26.17 20.42 0.16
N LYS A 210 27.19 20.96 0.83
CA LYS A 210 28.40 20.19 1.11
C LYS A 210 28.12 18.93 1.90
N GLU A 211 27.25 19.05 2.90
CA GLU A 211 26.85 17.91 3.70
C GLU A 211 26.19 16.87 2.81
N TYR A 212 25.28 17.34 1.96
CA TYR A 212 24.61 16.42 1.04
C TYR A 212 25.63 15.71 0.16
N TRP A 213 26.50 16.48 -0.50
CA TRP A 213 27.46 15.89 -1.45
C TRP A 213 28.39 14.88 -0.83
N ASP A 214 28.82 15.11 0.40
CA ASP A 214 29.64 14.15 1.15
C ASP A 214 29.00 12.77 1.10
N THR A 215 27.71 12.75 1.38
CA THR A 215 26.94 11.53 1.31
C THR A 215 26.81 10.97 -0.12
N ARG A 216 26.31 11.81 -1.02
CA ARG A 216 26.00 11.37 -2.37
C ARG A 216 27.24 10.81 -3.01
N ARG A 217 28.37 11.48 -2.84
CA ARG A 217 29.66 11.00 -3.37
C ARG A 217 30.02 9.64 -2.78
N SER A 218 29.58 9.40 -1.55
CA SER A 218 30.02 8.24 -0.82
C SER A 218 29.21 7.05 -1.22
N MET A 219 28.24 7.20 -2.12
CA MET A 219 27.54 6.01 -2.54
C MET A 219 28.18 5.64 -3.84
N VAL A 220 29.05 4.65 -3.78
CA VAL A 220 29.79 4.31 -4.95
C VAL A 220 29.32 2.93 -5.28
N PHE A 221 29.11 2.72 -6.56
CA PHE A 221 28.59 1.46 -7.00
C PHE A 221 29.56 0.36 -6.63
N ALA A 222 29.02 -0.84 -6.37
CA ALA A 222 29.86 -2.00 -6.10
C ALA A 222 30.80 -2.26 -7.27
N ARG A 223 32.01 -2.68 -6.94
CA ARG A 223 33.05 -2.89 -7.93
C ARG A 223 32.54 -3.76 -9.09
N HIS A 224 31.72 -4.77 -8.81
CA HIS A 224 31.28 -5.66 -9.87
C HIS A 224 30.46 -4.95 -10.94
N LEU A 225 29.46 -4.19 -10.53
CA LEU A 225 28.65 -3.46 -11.51
C LEU A 225 29.50 -2.46 -12.28
N ARG A 226 30.47 -1.84 -11.62
CA ARG A 226 31.31 -0.88 -12.35
C ARG A 226 32.13 -1.57 -13.44
N GLU A 227 32.68 -2.74 -13.10
CA GLU A 227 33.53 -3.48 -14.01
C GLU A 227 32.78 -3.93 -15.27
N VAL A 228 31.58 -4.46 -15.07
CA VAL A 228 30.75 -4.89 -16.19
C VAL A 228 30.46 -3.68 -17.08
N GLY A 229 30.09 -2.58 -16.43
CA GLY A 229 29.79 -1.34 -17.12
C GLY A 229 30.98 -0.77 -17.85
N ASP A 230 32.14 -0.79 -17.21
CA ASP A 230 33.38 -0.34 -17.86
C ASP A 230 33.81 -1.16 -19.08
N GLU A 231 33.71 -2.48 -18.96
CA GLU A 231 34.08 -3.37 -20.05
C GLU A 231 33.13 -3.21 -21.24
N PHE A 232 31.86 -2.95 -20.94
CA PHE A 232 30.89 -2.67 -21.99
C PHE A 232 31.30 -1.38 -22.68
N ARG A 233 31.74 -0.42 -21.90
CA ARG A 233 32.14 0.86 -22.45
C ARG A 233 33.28 0.67 -23.43
N SER A 234 34.23 -0.20 -23.10
CA SER A 234 35.37 -0.32 -23.99
C SER A 234 35.05 -1.17 -25.21
N ARG A 235 34.27 -2.25 -25.04
CA ARG A 235 33.95 -3.10 -26.18
C ARG A 235 33.06 -2.41 -27.19
N HIS A 236 31.87 -1.99 -26.79
CA HIS A 236 30.97 -1.34 -27.75
C HIS A 236 30.92 0.16 -27.83
N LEU A 237 31.46 0.86 -26.85
CA LEU A 237 31.45 2.31 -26.92
C LEU A 237 32.76 2.99 -27.28
N ASN A 238 33.82 2.21 -27.46
CA ASN A 238 35.15 2.79 -27.63
C ASN A 238 35.39 3.86 -26.53
N SER A 239 35.08 3.51 -25.30
CA SER A 239 35.19 4.43 -24.17
C SER A 239 35.95 3.83 -22.97
N THR A 240 37.09 4.45 -22.65
CA THR A 240 37.83 4.07 -21.44
C THR A 240 38.04 5.31 -20.60
N ASP A 241 38.32 5.11 -19.31
CA ASP A 241 38.50 6.24 -18.41
C ASP A 241 39.64 7.16 -18.92
N ASP A 242 40.73 6.58 -19.41
CA ASP A 242 41.81 7.39 -19.96
C ASP A 242 41.37 8.21 -21.17
N ALA A 243 40.84 7.54 -22.18
CA ALA A 243 40.42 8.21 -23.41
C ALA A 243 39.29 9.21 -23.17
N ASP A 244 38.60 9.07 -22.05
CA ASP A 244 37.47 9.94 -21.73
C ASP A 244 37.90 11.09 -20.82
N ARG A 245 39.20 11.14 -20.54
CA ARG A 245 39.77 12.19 -19.69
C ARG A 245 38.98 12.25 -18.37
N ILE A 246 38.73 11.08 -17.81
CA ILE A 246 38.08 10.92 -16.51
C ILE A 246 39.05 10.20 -15.59
N PRO A 247 40.04 10.93 -15.04
CA PRO A 247 40.94 10.22 -14.12
C PRO A 247 40.12 9.69 -12.98
N PHE A 248 40.25 8.41 -12.70
CA PHE A 248 39.43 7.85 -11.64
C PHE A 248 40.29 7.59 -10.42
N GLN A 249 39.65 7.77 -9.28
CA GLN A 249 40.30 7.62 -8.00
C GLN A 249 39.42 6.62 -7.24
N GLU A 250 40.04 5.82 -6.39
CA GLU A 250 39.33 4.81 -5.60
C GLU A 250 38.58 5.43 -4.41
N ASP A 251 39.34 6.07 -3.52
CA ASP A 251 38.76 6.68 -2.33
C ASP A 251 38.02 7.94 -2.79
N TRP A 252 36.72 7.97 -2.55
CA TRP A 252 35.92 9.07 -3.06
C TRP A 252 36.24 10.38 -2.35
N MET A 253 36.80 10.28 -1.14
CA MET A 253 37.16 11.48 -0.41
C MET A 253 38.29 12.20 -1.12
N LYS A 254 39.12 11.42 -1.80
CA LYS A 254 40.30 11.96 -2.44
C LYS A 254 40.03 12.37 -3.87
N MET A 255 38.82 12.11 -4.36
CA MET A 255 38.54 12.48 -5.74
C MET A 255 37.74 13.76 -5.82
N LYS A 256 38.45 14.82 -6.21
CA LYS A 256 37.88 16.15 -6.40
C LYS A 256 38.35 16.57 -7.79
N VAL A 257 37.39 16.82 -8.68
CA VAL A 257 37.68 17.06 -10.08
C VAL A 257 37.19 18.44 -10.50
N LYS A 258 37.99 19.16 -11.29
CA LYS A 258 37.60 20.47 -11.82
C LYS A 258 36.41 20.33 -12.76
N LEU A 259 35.47 21.25 -12.67
CA LEU A 259 34.25 21.19 -13.47
C LEU A 259 34.50 21.30 -14.98
N GLY A 260 33.92 20.38 -15.74
CA GLY A 260 34.04 20.38 -17.19
C GLY A 260 35.36 19.86 -17.72
N SER A 261 36.17 19.25 -16.86
CA SER A 261 37.46 18.71 -17.27
C SER A 261 37.21 17.36 -17.93
N ALA A 262 36.24 16.64 -17.40
CA ALA A 262 35.89 15.34 -17.95
C ALA A 262 35.32 15.45 -19.37
N LEU A 263 35.82 14.60 -20.25
CA LEU A 263 35.40 14.55 -21.66
C LEU A 263 34.23 13.61 -21.88
N GLY A 264 34.44 12.34 -21.56
CA GLY A 264 33.39 11.33 -21.63
C GLY A 264 33.54 10.56 -22.91
N GLY A 265 32.98 9.35 -22.95
CA GLY A 265 33.10 8.51 -24.13
C GLY A 265 32.47 9.12 -25.36
N PRO A 266 32.96 8.75 -26.55
CA PRO A 266 32.37 9.20 -27.80
C PRO A 266 31.02 8.55 -28.01
N TYR A 267 30.03 8.85 -27.18
CA TYR A 267 28.68 8.36 -27.42
C TYR A 267 27.64 9.23 -26.74
N LEU A 268 26.40 9.11 -27.21
CA LEU A 268 25.29 9.85 -26.61
C LEU A 268 24.62 8.94 -25.60
N GLY A 269 24.57 9.36 -24.34
CA GLY A 269 23.73 8.66 -23.38
C GLY A 269 22.32 9.17 -23.47
N VAL A 270 21.33 8.28 -23.36
CA VAL A 270 19.93 8.72 -23.27
C VAL A 270 19.11 7.81 -22.38
N HIS A 271 18.21 8.43 -21.63
CA HIS A 271 17.27 7.70 -20.81
C HIS A 271 15.86 8.04 -21.24
N LEU A 272 15.19 7.04 -21.80
CA LEU A 272 13.81 7.17 -22.22
C LEU A 272 12.94 6.39 -21.25
N ARG A 273 11.97 7.05 -20.65
CA ARG A 273 11.11 6.37 -19.71
C ARG A 273 9.70 6.30 -20.27
N ARG A 274 9.31 5.08 -20.67
CA ARG A 274 7.99 4.89 -21.27
C ARG A 274 6.87 4.45 -20.32
N LYS A 275 7.23 4.03 -19.11
CA LYS A 275 6.35 3.24 -18.23
C LYS A 275 5.00 3.93 -17.99
N ASP A 276 5.06 5.21 -17.64
CA ASP A 276 3.89 6.01 -17.33
C ASP A 276 3.38 6.85 -18.49
N PHE A 277 4.02 6.76 -19.65
CA PHE A 277 3.71 7.64 -20.79
C PHE A 277 2.22 7.70 -21.10
N ILE A 278 1.60 6.53 -21.20
CA ILE A 278 0.22 6.42 -21.63
C ILE A 278 -0.80 6.65 -20.53
N TRP A 279 -0.78 5.78 -19.51
CA TRP A 279 -1.73 5.92 -18.40
C TRP A 279 -1.55 7.20 -17.58
N GLY A 280 -0.38 7.81 -17.68
CA GLY A 280 -0.13 9.06 -16.99
C GLY A 280 -0.39 10.29 -17.86
N HIS A 281 -0.96 10.06 -19.06
CA HIS A 281 -1.36 11.13 -19.98
C HIS A 281 -0.29 12.21 -20.18
N ARG A 282 0.97 11.80 -20.28
CA ARG A 282 2.10 12.73 -20.18
C ARG A 282 2.36 13.61 -21.41
N GLN A 283 2.43 14.92 -21.19
CA GLN A 283 2.84 15.84 -22.24
C GLN A 283 4.33 16.19 -22.14
N ASP A 284 5.01 15.71 -21.10
CA ASP A 284 6.43 15.99 -20.89
C ASP A 284 7.38 14.90 -21.41
N VAL A 285 6.83 13.89 -22.09
CA VAL A 285 7.68 12.90 -22.73
C VAL A 285 7.37 12.78 -24.21
N PRO A 286 8.43 12.57 -25.02
CA PRO A 286 8.31 12.58 -26.47
C PRO A 286 7.73 11.29 -26.98
N SER A 287 7.18 11.33 -28.18
CA SER A 287 6.94 10.15 -28.96
C SER A 287 8.29 9.59 -29.38
N LEU A 288 8.31 8.31 -29.75
CA LEU A 288 9.53 7.71 -30.28
C LEU A 288 10.06 8.55 -31.44
N GLU A 289 9.16 8.96 -32.32
CA GLU A 289 9.57 9.66 -33.54
C GLU A 289 10.16 11.01 -33.17
N GLY A 290 9.64 11.59 -32.10
CA GLY A 290 10.15 12.86 -31.62
C GLY A 290 11.47 12.68 -30.92
N ALA A 291 11.54 11.67 -30.08
CA ALA A 291 12.77 11.34 -29.38
C ALA A 291 13.96 11.18 -30.36
N VAL A 292 13.75 10.45 -31.46
CA VAL A 292 14.83 10.24 -32.41
C VAL A 292 15.24 11.53 -33.15
N ARG A 293 14.25 12.35 -33.53
CA ARG A 293 14.54 13.65 -34.16
C ARG A 293 15.55 14.43 -33.31
N LYS A 294 15.24 14.57 -32.03
CA LYS A 294 16.11 15.24 -31.07
C LYS A 294 17.45 14.52 -31.03
N ILE A 295 17.42 13.20 -30.87
CA ILE A 295 18.65 12.42 -30.81
C ILE A 295 19.54 12.68 -32.02
N ARG A 296 18.98 12.57 -33.23
CA ARG A 296 19.76 12.81 -34.43
C ARG A 296 20.35 14.21 -34.41
N SER A 297 19.54 15.21 -34.07
CA SER A 297 20.03 16.58 -33.88
C SER A 297 21.22 16.62 -32.93
N LEU A 298 21.17 15.84 -31.86
CA LEU A 298 22.29 15.82 -30.90
C LEU A 298 23.50 15.13 -31.50
N MET A 299 23.29 14.00 -32.18
CA MET A 299 24.40 13.30 -32.85
C MET A 299 25.10 14.19 -33.85
N LYS A 300 24.33 14.91 -34.65
CA LYS A 300 24.91 15.82 -35.65
C LYS A 300 25.70 16.91 -34.92
N THR A 301 25.06 17.56 -33.94
CA THR A 301 25.68 18.68 -33.22
C THR A 301 27.02 18.32 -32.61
N HIS A 302 27.06 17.19 -31.90
CA HIS A 302 28.24 16.74 -31.16
C HIS A 302 29.16 15.71 -31.85
N ARG A 303 28.87 15.35 -33.10
CA ARG A 303 29.62 14.32 -33.85
C ARG A 303 29.68 13.00 -33.09
N LEU A 304 28.53 12.37 -32.88
CA LEU A 304 28.46 11.14 -32.13
C LEU A 304 27.85 10.01 -32.96
N ASP A 305 28.65 8.97 -33.19
CA ASP A 305 28.29 7.85 -34.08
C ASP A 305 27.33 6.84 -33.46
N LYS A 306 27.34 6.76 -32.13
CA LYS A 306 26.64 5.69 -31.39
C LYS A 306 25.82 6.28 -30.25
N VAL A 307 24.59 5.80 -30.05
CA VAL A 307 23.84 6.20 -28.86
C VAL A 307 23.53 5.02 -27.94
N PHE A 308 23.83 5.21 -26.65
CA PHE A 308 23.53 4.21 -25.65
C PHE A 308 22.20 4.59 -25.05
N VAL A 309 21.27 3.66 -25.07
CA VAL A 309 19.94 3.96 -24.59
C VAL A 309 19.66 3.09 -23.38
N ALA A 310 19.24 3.76 -22.32
CA ALA A 310 18.69 3.09 -21.18
C ALA A 310 17.19 3.36 -21.24
N THR A 311 16.39 2.30 -21.28
CA THR A 311 14.95 2.48 -21.40
C THR A 311 14.17 1.34 -20.74
N ASP A 312 12.98 1.66 -20.27
CA ASP A 312 12.07 0.67 -19.71
C ASP A 312 11.12 0.16 -20.77
N ALA A 313 11.35 0.59 -22.02
CA ALA A 313 10.39 0.31 -23.10
C ALA A 313 10.10 -1.18 -23.25
N VAL A 314 8.84 -1.50 -23.54
CA VAL A 314 8.46 -2.87 -23.86
C VAL A 314 8.94 -3.29 -25.26
N ARG A 315 9.04 -4.60 -25.51
CA ARG A 315 9.60 -5.15 -26.74
C ARG A 315 9.02 -4.54 -28.02
N LYS A 316 7.70 -4.42 -28.09
CA LYS A 316 7.04 -3.84 -29.26
C LYS A 316 7.54 -2.43 -29.53
N GLU A 317 7.65 -1.62 -28.47
CA GLU A 317 8.07 -0.22 -28.60
C GLU A 317 9.56 -0.14 -28.82
N TYR A 318 10.32 -1.06 -28.24
CA TYR A 318 11.76 -1.10 -28.45
C TYR A 318 12.08 -1.38 -29.92
N GLU A 319 11.43 -2.40 -30.49
CA GLU A 319 11.63 -2.72 -31.90
C GLU A 319 11.36 -1.49 -32.76
N GLU A 320 10.30 -0.76 -32.42
CA GLU A 320 9.94 0.43 -33.17
C GLU A 320 11.08 1.46 -33.08
N LEU A 321 11.67 1.55 -31.90
CA LEU A 321 12.80 2.44 -31.69
C LEU A 321 14.04 1.94 -32.43
N LYS A 322 14.28 0.63 -32.35
CA LYS A 322 15.42 0.00 -33.01
C LYS A 322 15.39 0.24 -34.50
N LYS A 323 14.21 0.16 -35.10
CA LYS A 323 14.09 0.40 -36.54
C LYS A 323 14.37 1.87 -36.87
N LEU A 324 13.89 2.77 -36.03
CA LEU A 324 14.06 4.20 -36.21
C LEU A 324 15.50 4.64 -36.05
N LEU A 325 16.19 3.98 -35.13
CA LEU A 325 17.52 4.41 -34.70
C LEU A 325 18.41 3.19 -34.59
N PRO A 326 18.89 2.70 -35.73
CA PRO A 326 19.71 1.49 -35.80
C PRO A 326 20.97 1.58 -34.96
N GLU A 327 21.57 2.75 -34.91
CA GLU A 327 22.85 2.90 -34.21
C GLU A 327 22.71 2.78 -32.69
N MET A 328 21.46 2.64 -32.23
CA MET A 328 21.21 2.41 -30.81
C MET A 328 21.95 1.18 -30.31
N VAL A 329 22.71 1.40 -29.25
CA VAL A 329 23.41 0.35 -28.57
C VAL A 329 22.75 0.29 -27.23
N ARG A 330 22.66 -0.90 -26.66
CA ARG A 330 21.89 -1.09 -25.43
C ARG A 330 22.44 -2.24 -24.62
N PHE A 331 22.26 -2.20 -23.32
CA PHE A 331 22.74 -3.28 -22.48
C PHE A 331 21.57 -4.17 -22.09
N GLU A 332 21.56 -5.38 -22.66
CA GLU A 332 20.51 -6.36 -22.36
C GLU A 332 21.07 -7.49 -21.54
N PRO A 333 20.68 -7.53 -20.26
CA PRO A 333 21.24 -8.51 -19.35
C PRO A 333 20.76 -9.86 -19.76
N THR A 334 21.65 -10.85 -19.71
CA THR A 334 21.26 -12.21 -19.98
C THR A 334 20.38 -12.60 -18.83
N TRP A 335 19.59 -13.64 -18.99
CA TRP A 335 18.76 -14.11 -17.90
C TRP A 335 19.58 -14.30 -16.62
N GLU A 336 20.70 -15.01 -16.69
CA GLU A 336 21.45 -15.21 -15.45
C GLU A 336 22.02 -13.90 -14.89
N GLU A 337 22.35 -12.96 -15.76
CA GLU A 337 22.85 -11.67 -15.27
C GLU A 337 21.80 -10.97 -14.46
N LEU A 338 20.57 -11.01 -14.96
CA LEU A 338 19.47 -10.40 -14.27
C LEU A 338 19.21 -11.12 -12.95
N GLU A 339 19.35 -12.44 -12.94
CA GLU A 339 19.06 -13.23 -11.75
C GLU A 339 20.03 -12.85 -10.67
N LEU A 340 21.19 -12.36 -11.09
CA LEU A 340 22.33 -12.14 -10.22
C LEU A 340 22.45 -10.69 -9.75
N TYR A 341 22.66 -9.80 -10.71
CA TYR A 341 22.84 -8.37 -10.47
C TYR A 341 21.57 -7.71 -9.90
N LYS A 342 20.48 -8.43 -10.07
CA LYS A 342 19.09 -8.03 -9.89
C LYS A 342 18.67 -6.73 -10.60
N ASP A 343 17.66 -6.07 -10.08
CA ASP A 343 17.02 -5.04 -10.89
C ASP A 343 17.78 -3.76 -10.80
N GLY A 344 18.17 -3.47 -9.56
CA GLY A 344 18.83 -2.23 -9.24
C GLY A 344 20.20 -2.33 -9.83
N GLY A 345 20.70 -3.56 -9.84
CA GLY A 345 22.02 -3.85 -10.38
C GLY A 345 22.12 -3.47 -11.83
N VAL A 346 21.16 -3.93 -12.63
CA VAL A 346 21.12 -3.58 -14.04
C VAL A 346 20.96 -2.07 -14.20
N ALA A 347 19.98 -1.51 -13.48
CA ALA A 347 19.78 -0.07 -13.46
C ALA A 347 21.10 0.67 -13.21
N ILE A 348 21.90 0.17 -12.28
CA ILE A 348 23.17 0.83 -11.97
C ILE A 348 24.15 0.82 -13.14
N ILE A 349 24.27 -0.34 -13.79
CA ILE A 349 25.11 -0.45 -14.97
C ILE A 349 24.66 0.56 -16.02
N ASP A 350 23.37 0.53 -16.36
CA ASP A 350 22.79 1.53 -17.28
C ASP A 350 23.13 2.98 -16.87
N GLN A 351 23.07 3.24 -15.58
CA GLN A 351 23.33 4.59 -15.10
C GLN A 351 24.80 4.90 -15.23
N TRP A 352 25.61 3.94 -14.81
CA TRP A 352 27.05 4.08 -14.86
C TRP A 352 27.53 4.36 -16.28
N ILE A 353 26.86 3.74 -17.26
CA ILE A 353 27.27 3.91 -18.64
C ILE A 353 26.81 5.25 -19.18
N CYS A 354 25.56 5.62 -18.91
CA CYS A 354 25.06 6.92 -19.33
C CYS A 354 25.95 8.01 -18.76
N ALA A 355 26.40 7.79 -17.53
CA ALA A 355 27.16 8.81 -16.82
C ALA A 355 28.55 9.05 -17.41
N HIS A 356 29.07 8.09 -18.18
CA HIS A 356 30.34 8.31 -18.86
C HIS A 356 30.24 8.80 -20.30
N ALA A 357 29.01 9.03 -20.77
CA ALA A 357 28.78 9.54 -22.14
C ALA A 357 29.35 10.93 -22.34
N ARG A 358 29.65 11.28 -23.58
CA ARG A 358 30.08 12.64 -23.88
C ARG A 358 28.96 13.62 -23.57
N PHE A 359 27.73 13.17 -23.80
CA PHE A 359 26.56 14.03 -23.67
C PHE A 359 25.37 13.18 -23.26
N PHE A 360 24.52 13.72 -22.41
CA PHE A 360 23.41 12.93 -21.86
C PHE A 360 22.11 13.67 -21.97
N ILE A 361 21.06 12.92 -22.32
CA ILE A 361 19.74 13.50 -22.35
C ILE A 361 18.78 12.53 -21.69
N GLY A 362 18.07 13.02 -20.68
CA GLY A 362 17.20 12.20 -19.87
C GLY A 362 15.72 12.45 -20.05
N THR A 363 14.94 11.90 -19.13
CA THR A 363 13.50 12.01 -19.17
C THR A 363 12.99 12.95 -18.08
N SER A 364 11.98 13.75 -18.43
CA SER A 364 11.44 14.75 -17.51
C SER A 364 11.06 14.18 -16.15
N VAL A 365 11.57 14.82 -15.11
CA VAL A 365 11.30 14.46 -13.70
C VAL A 365 11.41 12.97 -13.40
N SER A 366 12.30 12.29 -14.12
CA SER A 366 12.56 10.89 -13.83
C SER A 366 13.60 10.77 -12.74
N THR A 367 13.30 9.99 -11.70
CA THR A 367 14.28 9.87 -10.63
C THR A 367 15.54 9.20 -11.14
N PHE A 368 15.36 8.27 -12.08
CA PHE A 368 16.48 7.60 -12.74
C PHE A 368 17.44 8.61 -13.38
N SER A 369 16.87 9.55 -14.14
CA SER A 369 17.68 10.56 -14.80
C SER A 369 18.34 11.45 -13.78
N PHE A 370 17.66 11.68 -12.66
CA PHE A 370 18.22 12.52 -11.60
C PHE A 370 19.51 11.95 -11.01
N ARG A 371 19.51 10.65 -10.72
CA ARG A 371 20.73 10.03 -10.20
C ARG A 371 21.86 10.10 -11.19
N ILE A 372 21.52 10.00 -12.47
CA ILE A 372 22.55 10.07 -13.49
C ILE A 372 23.21 11.43 -13.45
N HIS A 373 22.42 12.49 -13.33
CA HIS A 373 22.95 13.85 -13.26
C HIS A 373 24.01 13.95 -12.18
N GLU A 374 23.64 13.56 -10.95
CA GLU A 374 24.53 13.69 -9.81
C GLU A 374 25.82 12.91 -10.11
N GLU A 375 25.65 11.72 -10.67
CA GLU A 375 26.78 10.89 -11.00
C GLU A 375 27.72 11.54 -12.02
N ARG A 376 27.16 12.35 -12.93
CA ARG A 376 27.92 13.00 -13.99
C ARG A 376 28.65 14.19 -13.44
N GLU A 377 27.98 14.87 -12.51
CA GLU A 377 28.54 16.04 -11.85
C GLU A 377 29.76 15.60 -11.02
N ILE A 378 29.66 14.42 -10.42
CA ILE A 378 30.76 13.86 -9.63
C ILE A 378 31.97 13.55 -10.49
N LEU A 379 31.73 12.99 -11.67
CA LEU A 379 32.81 12.64 -12.60
C LEU A 379 33.45 13.89 -13.21
N GLY A 380 32.72 15.00 -13.18
CA GLY A 380 33.29 16.26 -13.61
C GLY A 380 32.89 16.71 -15.00
N LEU A 381 31.86 16.08 -15.56
CA LEU A 381 31.40 16.46 -16.90
C LEU A 381 30.69 17.82 -16.93
N ASP A 382 30.92 18.58 -18.00
CA ASP A 382 30.33 19.91 -18.19
C ASP A 382 28.80 19.83 -18.10
N PRO A 383 28.19 20.71 -17.29
CA PRO A 383 26.75 20.69 -17.02
C PRO A 383 25.90 20.78 -18.26
N LYS A 384 26.38 21.51 -19.27
CA LYS A 384 25.61 21.72 -20.49
C LYS A 384 25.35 20.37 -21.18
N THR A 385 26.22 19.40 -20.88
CA THR A 385 26.07 18.03 -21.37
C THR A 385 25.30 17.18 -20.40
N THR A 386 25.07 17.69 -19.20
CA THR A 386 24.41 16.92 -18.12
C THR A 386 22.91 17.20 -18.01
N TYR A 387 22.51 18.43 -17.79
CA TYR A 387 21.13 18.62 -17.39
C TYR A 387 20.36 18.94 -18.65
N ASN A 388 19.72 17.89 -19.14
CA ASN A 388 19.09 17.86 -20.45
C ASN A 388 17.95 16.87 -20.41
N ARG A 389 16.86 17.19 -21.09
CA ARG A 389 15.73 16.29 -21.09
C ARG A 389 15.00 16.38 -22.39
N PHE A 390 14.41 15.27 -22.82
CA PHE A 390 13.52 15.28 -23.98
C PHE A 390 12.31 16.13 -23.71
N CYS A 391 11.90 16.90 -24.71
CA CYS A 391 10.70 17.71 -24.61
C CYS A 391 9.57 16.87 -25.16
N GLY A 392 8.39 16.95 -24.54
CA GLY A 392 7.22 16.32 -25.11
C GLY A 392 6.98 16.88 -26.50
N ASP A 393 6.40 16.07 -27.38
CA ASP A 393 6.32 16.43 -28.79
C ASP A 393 5.69 17.78 -29.00
N GLN A 394 4.50 17.93 -28.46
CA GLN A 394 3.80 19.20 -28.45
C GLN A 394 3.96 20.02 -27.17
N GLU A 395 4.81 19.57 -26.24
CA GLU A 395 4.96 20.29 -24.98
C GLU A 395 5.37 21.74 -25.23
N LYS A 396 4.55 22.64 -24.69
CA LYS A 396 4.64 24.08 -24.95
C LYS A 396 5.95 24.76 -24.57
N ALA A 397 6.14 24.93 -23.27
CA ALA A 397 7.37 25.52 -22.76
C ALA A 397 7.99 24.47 -21.89
N CYS A 398 9.10 23.93 -22.36
CA CYS A 398 9.71 22.80 -21.68
C CYS A 398 10.99 23.28 -20.98
N GLU A 399 10.93 23.26 -19.66
CA GLU A 399 12.04 23.67 -18.83
C GLU A 399 13.01 22.51 -18.57
N GLN A 400 14.30 22.79 -18.66
CA GLN A 400 15.31 21.76 -18.45
C GLN A 400 15.54 21.57 -16.96
N PRO A 401 16.04 20.38 -16.56
CA PRO A 401 16.29 20.19 -15.14
C PRO A 401 17.37 21.14 -14.65
N THR A 402 17.32 21.46 -13.37
CA THR A 402 18.19 22.45 -12.76
C THR A 402 19.57 21.87 -12.45
N HIS A 403 20.60 22.66 -12.73
CA HIS A 403 21.98 22.26 -12.47
C HIS A 403 22.28 22.49 -10.99
N TRP A 404 22.66 21.42 -10.29
CA TRP A 404 23.15 21.54 -8.91
C TRP A 404 24.62 21.17 -8.86
N LYS A 405 25.46 22.18 -8.70
CA LYS A 405 26.91 21.93 -8.68
C LYS A 405 27.33 21.28 -7.37
N ILE A 406 28.47 20.60 -7.39
CA ILE A 406 29.01 20.00 -6.19
C ILE A 406 29.60 21.08 -5.29
N THR A 407 29.48 20.91 -3.98
CA THR A 407 30.31 21.69 -3.06
C THR A 407 31.16 20.73 -2.24
N TYR A 408 32.48 20.94 -2.28
CA TYR A 408 33.40 20.12 -1.49
C TYR A 408 33.63 20.78 -0.10
N SER B 20 -25.23 -17.42 -24.59
CA SER B 20 -25.08 -16.47 -23.49
C SER B 20 -23.62 -16.01 -23.26
N ARG B 21 -23.20 -15.01 -24.02
CA ARG B 21 -21.92 -14.35 -23.77
C ARG B 21 -22.16 -13.12 -22.88
N ARG B 22 -21.72 -13.23 -21.64
CA ARG B 22 -22.00 -12.23 -20.61
C ARG B 22 -20.73 -11.52 -20.18
N ARG B 23 -20.85 -10.25 -19.81
CA ARG B 23 -19.69 -9.52 -19.30
C ARG B 23 -19.41 -9.83 -17.84
N TYR B 24 -18.15 -9.64 -17.45
CA TYR B 24 -17.73 -9.97 -16.10
C TYR B 24 -17.28 -8.74 -15.34
N LEU B 25 -17.75 -8.62 -14.11
CA LEU B 25 -17.28 -7.55 -13.24
C LEU B 25 -16.45 -8.12 -12.07
N LEU B 26 -15.29 -7.50 -11.85
CA LEU B 26 -14.43 -7.85 -10.73
C LEU B 26 -13.97 -6.57 -10.06
N TYR B 27 -13.63 -6.65 -8.78
CA TYR B 27 -13.19 -5.47 -8.07
C TYR B 27 -12.17 -5.82 -7.00
N ASP B 28 -11.41 -4.82 -6.57
CA ASP B 28 -10.67 -4.95 -5.33
C ASP B 28 -10.72 -3.65 -4.56
N VAL B 29 -10.32 -3.73 -3.29
CA VAL B 29 -10.45 -2.64 -2.35
C VAL B 29 -9.07 -2.28 -1.82
N ASN B 30 -8.88 -1.01 -1.44
CA ASN B 30 -7.57 -0.51 -0.95
C ASN B 30 -7.02 -1.40 0.16
N PRO B 31 -5.78 -1.89 0.00
CA PRO B 31 -5.24 -2.93 0.88
C PRO B 31 -5.41 -2.74 2.40
N PRO B 32 -5.28 -1.50 2.94
CA PRO B 32 -5.41 -1.38 4.40
C PRO B 32 -6.76 -1.82 4.92
N GLU B 33 -7.76 -1.88 4.04
CA GLU B 33 -9.14 -2.08 4.48
C GLU B 33 -9.42 -3.48 5.00
N GLY B 34 -10.04 -3.55 6.17
CA GLY B 34 -10.31 -4.81 6.83
C GLY B 34 -11.48 -5.59 6.26
N PHE B 35 -11.84 -6.68 6.94
CA PHE B 35 -12.87 -7.60 6.46
C PHE B 35 -14.23 -6.91 6.37
N ASN B 36 -14.56 -6.12 7.38
CA ASN B 36 -15.92 -5.64 7.45
C ASN B 36 -16.25 -4.45 6.58
N LEU B 37 -15.23 -3.67 6.22
CA LEU B 37 -15.46 -2.65 5.21
C LEU B 37 -15.58 -3.29 3.82
N ARG B 38 -14.82 -4.36 3.59
CA ARG B 38 -14.93 -5.08 2.33
C ARG B 38 -16.38 -5.54 2.10
N ARG B 39 -17.01 -6.12 3.13
CA ARG B 39 -18.38 -6.59 2.97
C ARG B 39 -19.33 -5.44 2.66
N ASP B 40 -18.97 -4.24 3.06
CA ASP B 40 -19.82 -3.11 2.75
C ASP B 40 -19.64 -2.77 1.28
N VAL B 41 -18.39 -2.67 0.85
CA VAL B 41 -18.08 -2.36 -0.55
C VAL B 41 -18.78 -3.33 -1.50
N TYR B 42 -18.82 -4.62 -1.14
CA TYR B 42 -19.47 -5.63 -1.96
C TYR B 42 -20.88 -5.21 -2.37
N ILE B 43 -21.64 -4.70 -1.41
CA ILE B 43 -22.98 -4.23 -1.66
C ILE B 43 -22.99 -3.02 -2.58
N ARG B 44 -21.98 -2.15 -2.42
CA ARG B 44 -21.86 -1.00 -3.33
C ARG B 44 -21.66 -1.49 -4.77
N ILE B 45 -20.70 -2.40 -4.96
CA ILE B 45 -20.48 -3.04 -6.26
C ILE B 45 -21.76 -3.70 -6.77
N ALA B 46 -22.34 -4.58 -5.95
CA ALA B 46 -23.54 -5.32 -6.31
C ALA B 46 -24.69 -4.41 -6.76
N SER B 47 -24.69 -3.18 -6.28
CA SER B 47 -25.73 -2.26 -6.71
C SER B 47 -25.40 -1.76 -8.11
N LEU B 48 -24.11 -1.62 -8.40
CA LEU B 48 -23.68 -1.28 -9.75
C LEU B 48 -24.07 -2.40 -10.72
N LEU B 49 -23.92 -3.64 -10.30
CA LEU B 49 -24.28 -4.80 -11.13
C LEU B 49 -25.76 -4.79 -11.46
N LYS B 50 -26.60 -4.59 -10.44
CA LYS B 50 -28.04 -4.46 -10.63
C LYS B 50 -28.41 -3.42 -11.70
N THR B 51 -27.73 -2.29 -11.68
CA THR B 51 -27.94 -1.23 -12.66
C THR B 51 -27.46 -1.67 -14.05
N LEU B 52 -26.41 -2.47 -14.08
CA LEU B 52 -25.91 -2.99 -15.35
C LEU B 52 -26.89 -4.00 -15.96
N LEU B 53 -27.53 -4.79 -15.10
CA LEU B 53 -28.41 -5.84 -15.60
C LEU B 53 -29.68 -5.29 -16.27
N LYS B 54 -29.92 -4.00 -16.07
CA LYS B 54 -30.98 -3.29 -16.78
C LYS B 54 -30.70 -3.21 -18.28
N THR B 55 -29.48 -3.57 -18.68
CA THR B 55 -29.06 -3.47 -20.07
C THR B 55 -28.44 -4.75 -20.64
N GLU B 56 -27.30 -5.18 -20.07
CA GLU B 56 -26.52 -6.32 -20.58
C GLU B 56 -26.49 -7.49 -19.60
N GLU B 57 -26.19 -8.68 -20.10
CA GLU B 57 -26.02 -9.81 -19.19
C GLU B 57 -24.66 -9.71 -18.51
N TRP B 58 -24.67 -9.60 -17.19
CA TRP B 58 -23.44 -9.52 -16.40
C TRP B 58 -23.45 -10.54 -15.28
N VAL B 59 -22.28 -10.75 -14.72
CA VAL B 59 -22.16 -11.55 -13.52
C VAL B 59 -21.01 -10.95 -12.73
N LEU B 60 -21.17 -10.89 -11.43
CA LEU B 60 -20.12 -10.34 -10.59
C LEU B 60 -19.19 -11.46 -10.12
N VAL B 61 -17.90 -11.19 -10.14
CA VAL B 61 -16.96 -12.22 -9.75
C VAL B 61 -16.50 -11.92 -8.35
N LEU B 62 -16.65 -12.91 -7.49
CA LEU B 62 -16.28 -12.72 -6.09
C LEU B 62 -14.77 -12.72 -5.87
N PRO B 63 -14.24 -11.56 -5.46
CA PRO B 63 -12.82 -11.41 -5.17
C PRO B 63 -12.43 -12.32 -4.05
N PRO B 64 -11.43 -13.18 -4.27
CA PRO B 64 -10.98 -14.04 -3.19
C PRO B 64 -10.59 -13.25 -1.95
N TRP B 65 -10.88 -13.86 -0.81
CA TRP B 65 -10.45 -13.34 0.46
C TRP B 65 -8.97 -13.62 0.65
N GLY B 66 -8.35 -12.92 1.59
CA GLY B 66 -6.91 -12.99 1.79
C GLY B 66 -6.25 -11.75 1.24
N ARG B 67 -5.22 -11.31 1.94
CA ARG B 67 -4.84 -9.92 1.91
C ARG B 67 -3.41 -9.71 1.48
N LEU B 68 -3.22 -8.66 0.68
CA LEU B 68 -1.90 -8.27 0.22
C LEU B 68 -0.93 -8.12 1.38
N TYR B 69 -1.38 -7.43 2.42
CA TYR B 69 -0.53 -7.25 3.58
C TYR B 69 -0.89 -8.42 4.45
N HIS B 70 -0.07 -9.46 4.42
CA HIS B 70 -0.48 -10.73 4.97
C HIS B 70 -0.35 -10.74 6.48
N TRP B 71 0.56 -9.92 6.97
CA TRP B 71 0.88 -9.87 8.39
C TRP B 71 -0.27 -9.24 9.17
N GLN B 72 -1.19 -8.59 8.48
CA GLN B 72 -2.36 -8.05 9.15
C GLN B 72 -3.22 -9.17 9.72
N SER B 73 -3.32 -10.28 9.00
CA SER B 73 -4.16 -11.40 9.46
C SER B 73 -3.37 -12.42 10.27
N PRO B 74 -3.97 -12.92 11.36
CA PRO B 74 -3.41 -14.05 12.10
C PRO B 74 -3.50 -15.33 11.26
N ASP B 75 -4.33 -15.28 10.21
CA ASP B 75 -4.44 -16.36 9.23
C ASP B 75 -3.03 -16.67 8.80
N ILE B 76 -2.64 -17.94 8.84
CA ILE B 76 -1.24 -18.19 8.60
C ILE B 76 -1.10 -18.39 7.11
N HIS B 77 -0.75 -17.28 6.46
CA HIS B 77 -0.66 -17.16 5.01
C HIS B 77 -1.74 -17.93 4.27
N GLN B 78 -2.94 -17.94 4.85
CA GLN B 78 -4.06 -18.66 4.26
C GLN B 78 -4.69 -17.71 3.27
N VAL B 79 -4.69 -18.10 2.01
CA VAL B 79 -4.94 -17.16 0.93
C VAL B 79 -5.75 -17.84 -0.19
N ARG B 80 -6.30 -17.01 -1.08
CA ARG B 80 -7.10 -17.47 -2.20
C ARG B 80 -8.31 -18.23 -1.70
N ILE B 81 -8.97 -17.61 -0.72
CA ILE B 81 -10.15 -18.16 -0.04
C ILE B 81 -11.44 -17.73 -0.71
N PRO B 82 -12.23 -18.71 -1.15
CA PRO B 82 -13.51 -18.41 -1.79
C PRO B 82 -14.56 -17.93 -0.79
N TRP B 83 -15.54 -17.19 -1.28
CA TRP B 83 -16.64 -16.73 -0.45
C TRP B 83 -17.39 -17.88 0.24
N SER B 84 -17.26 -19.09 -0.29
CA SER B 84 -17.94 -20.27 0.24
C SER B 84 -17.62 -20.58 1.70
N GLU B 85 -16.48 -20.10 2.19
CA GLU B 85 -16.05 -20.43 3.56
C GLU B 85 -16.64 -19.46 4.61
N PHE B 86 -17.35 -18.45 4.11
CA PHE B 86 -17.92 -17.35 4.88
C PHE B 86 -19.41 -17.24 4.58
N PHE B 87 -19.73 -17.07 3.30
CA PHE B 87 -21.11 -16.84 2.87
C PHE B 87 -21.76 -17.99 2.09
N ASP B 88 -23.09 -18.02 2.12
CA ASP B 88 -23.84 -19.07 1.47
C ASP B 88 -24.05 -18.61 0.04
N LEU B 89 -23.41 -19.31 -0.89
CA LEU B 89 -23.42 -18.93 -2.30
C LEU B 89 -24.80 -18.92 -2.98
N PRO B 90 -25.61 -19.97 -2.75
CA PRO B 90 -26.96 -19.92 -3.32
C PRO B 90 -27.69 -18.68 -2.82
N SER B 91 -27.57 -18.44 -1.52
CA SER B 91 -28.22 -17.31 -0.85
C SER B 91 -27.85 -16.02 -1.54
N LEU B 92 -26.56 -15.88 -1.86
CA LEU B 92 -26.07 -14.70 -2.53
C LEU B 92 -26.61 -14.60 -3.93
N ASN B 93 -26.75 -15.76 -4.58
CA ASN B 93 -27.11 -15.77 -5.99
C ASN B 93 -28.56 -15.41 -6.24
N LYS B 94 -29.38 -15.45 -5.19
CA LYS B 94 -30.79 -15.10 -5.32
C LYS B 94 -30.97 -13.59 -5.38
N ASN B 95 -29.90 -12.86 -5.08
CA ASN B 95 -29.90 -11.40 -5.14
C ASN B 95 -29.32 -10.88 -6.46
N ILE B 96 -28.06 -11.23 -6.75
CA ILE B 96 -27.46 -10.99 -8.06
C ILE B 96 -26.75 -12.26 -8.57
N PRO B 97 -26.53 -12.35 -9.89
CA PRO B 97 -25.74 -13.45 -10.42
C PRO B 97 -24.31 -13.35 -9.90
N VAL B 98 -23.77 -14.46 -9.44
CA VAL B 98 -22.48 -14.44 -8.77
C VAL B 98 -21.69 -15.73 -9.01
N ILE B 99 -20.39 -15.60 -9.23
CA ILE B 99 -19.51 -16.76 -9.31
C ILE B 99 -18.20 -16.52 -8.57
N GLU B 100 -17.62 -17.62 -8.09
CA GLU B 100 -16.30 -17.59 -7.45
C GLU B 100 -15.25 -17.22 -8.48
N TYR B 101 -14.08 -16.78 -8.03
CA TYR B 101 -13.07 -16.36 -9.00
C TYR B 101 -12.53 -17.50 -9.83
N GLU B 102 -12.31 -18.65 -9.21
CA GLU B 102 -11.76 -19.80 -9.93
C GLU B 102 -12.71 -20.25 -11.03
N GLN B 103 -14.00 -20.12 -10.75
CA GLN B 103 -15.05 -20.35 -11.74
C GLN B 103 -14.94 -19.37 -12.92
N PHE B 104 -14.49 -18.15 -12.66
CA PHE B 104 -14.33 -17.18 -13.75
C PHE B 104 -13.17 -17.54 -14.67
N ILE B 105 -12.11 -18.09 -14.07
CA ILE B 105 -10.95 -18.52 -14.82
C ILE B 105 -11.39 -19.58 -15.81
N ALA B 106 -12.24 -20.49 -15.36
CA ALA B 106 -12.78 -21.53 -16.24
C ALA B 106 -13.68 -20.99 -17.37
N GLU B 107 -14.62 -20.09 -17.04
CA GLU B 107 -15.64 -19.63 -17.99
C GLU B 107 -15.19 -18.61 -19.04
N SER B 108 -14.33 -17.66 -18.65
CA SER B 108 -13.57 -16.92 -19.66
C SER B 108 -12.45 -17.89 -20.03
N GLY B 109 -11.56 -17.54 -20.96
CA GLY B 109 -10.57 -18.54 -21.32
C GLY B 109 -9.56 -18.88 -20.23
N GLY B 110 -8.73 -17.91 -19.88
CA GLY B 110 -7.81 -18.05 -18.76
C GLY B 110 -8.11 -17.08 -17.63
N PRO B 111 -7.12 -16.88 -16.75
CA PRO B 111 -7.13 -15.77 -15.80
C PRO B 111 -6.79 -14.45 -16.49
N PHE B 112 -7.62 -14.03 -17.44
CA PHE B 112 -7.32 -12.82 -18.21
C PHE B 112 -8.43 -11.81 -18.08
N ILE B 113 -8.10 -10.68 -17.46
CA ILE B 113 -9.01 -9.55 -17.33
C ILE B 113 -8.77 -8.56 -18.46
N ASP B 114 -9.83 -8.23 -19.19
CA ASP B 114 -9.68 -7.39 -20.38
C ASP B 114 -9.23 -5.98 -20.03
N GLN B 115 -9.99 -5.31 -19.16
CA GLN B 115 -9.66 -3.94 -18.77
C GLN B 115 -9.72 -3.73 -17.27
N VAL B 116 -8.66 -3.12 -16.73
CA VAL B 116 -8.61 -2.76 -15.32
C VAL B 116 -8.69 -1.26 -15.17
N TYR B 117 -9.69 -0.81 -14.42
CA TYR B 117 -9.80 0.60 -14.10
C TYR B 117 -9.45 0.82 -12.63
N VAL B 118 -8.42 1.63 -12.38
CA VAL B 118 -8.09 1.99 -11.01
C VAL B 118 -8.85 3.24 -10.61
N LEU B 119 -9.76 3.12 -9.65
CA LEU B 119 -10.61 4.24 -9.24
C LEU B 119 -9.84 5.24 -8.40
N GLN B 120 -10.04 6.51 -8.68
CA GLN B 120 -9.33 7.57 -7.97
C GLN B 120 -10.20 8.81 -7.84
N SER B 121 -9.83 9.72 -6.94
CA SER B 121 -10.53 10.99 -6.82
C SER B 121 -10.12 11.96 -7.94
N TYR B 122 -10.99 12.92 -8.27
CA TYR B 122 -10.66 13.94 -9.25
C TYR B 122 -9.49 14.79 -8.77
N ALA B 123 -8.50 14.98 -9.64
CA ALA B 123 -7.24 15.62 -9.28
C ALA B 123 -7.40 17.04 -8.74
N GLU B 124 -8.38 17.76 -9.27
CA GLU B 124 -8.59 19.19 -9.00
C GLU B 124 -9.43 19.43 -7.74
N GLY B 125 -9.88 18.34 -7.12
CA GLY B 125 -10.78 18.46 -5.99
C GLY B 125 -12.04 19.18 -6.43
N TRP B 126 -12.59 20.00 -5.53
CA TRP B 126 -13.77 20.78 -5.85
C TRP B 126 -13.86 22.03 -4.97
N LYS B 127 -14.68 22.99 -5.41
CA LYS B 127 -15.07 24.09 -4.54
C LYS B 127 -16.45 23.77 -3.97
N GLU B 128 -16.68 24.10 -2.70
CA GLU B 128 -17.91 23.72 -2.00
C GLU B 128 -19.18 24.19 -2.74
N GLY B 129 -20.10 23.26 -2.97
CA GLY B 129 -21.28 23.53 -3.77
C GLY B 129 -21.16 23.01 -5.20
N THR B 130 -19.93 22.65 -5.60
CA THR B 130 -19.64 22.13 -6.94
C THR B 130 -19.72 20.59 -7.00
N TRP B 131 -19.84 19.96 -5.83
CA TRP B 131 -19.80 18.50 -5.76
C TRP B 131 -20.90 17.84 -6.59
N GLU B 132 -20.50 16.90 -7.45
CA GLU B 132 -21.42 16.31 -8.41
C GLU B 132 -20.99 14.88 -8.73
N GLU B 133 -21.94 13.97 -8.91
CA GLU B 133 -21.61 12.61 -9.28
C GLU B 133 -21.13 12.59 -10.72
N LYS B 134 -19.89 12.15 -10.91
CA LYS B 134 -19.29 12.15 -12.23
C LYS B 134 -18.18 11.11 -12.31
N VAL B 135 -17.98 10.56 -13.50
CA VAL B 135 -16.85 9.64 -13.74
C VAL B 135 -16.13 10.01 -15.04
N ASP B 136 -14.80 10.12 -14.96
CA ASP B 136 -14.00 10.51 -16.12
C ASP B 136 -12.65 9.78 -16.18
N GLU B 137 -12.29 9.27 -17.37
CA GLU B 137 -10.97 8.73 -17.59
C GLU B 137 -9.98 9.86 -17.43
N ARG B 138 -9.00 9.68 -16.55
CA ARG B 138 -8.07 10.75 -16.21
C ARG B 138 -6.65 10.21 -16.10
N PRO B 139 -5.66 11.12 -16.10
CA PRO B 139 -4.31 10.66 -15.81
C PRO B 139 -4.23 10.13 -14.38
N CYS B 140 -3.49 9.04 -14.22
CA CYS B 140 -3.26 8.43 -12.92
C CYS B 140 -2.58 9.40 -11.99
N ILE B 141 -3.07 9.48 -10.76
CA ILE B 141 -2.51 10.38 -9.76
C ILE B 141 -1.32 9.74 -9.06
N ASP B 142 -1.57 8.65 -8.34
CA ASP B 142 -0.51 7.84 -7.75
C ASP B 142 0.08 6.95 -8.82
N GLN B 143 1.35 6.61 -8.65
CA GLN B 143 2.01 5.66 -9.53
C GLN B 143 1.27 4.31 -9.47
N LEU B 144 0.93 3.83 -10.64
CA LEU B 144 0.14 2.62 -10.80
C LEU B 144 0.89 1.41 -10.26
N LEU B 145 0.19 0.60 -9.46
CA LEU B 145 0.84 -0.55 -8.86
C LEU B 145 1.00 -1.70 -9.84
N TYR B 146 0.14 -1.75 -10.84
CA TYR B 146 0.30 -2.75 -11.90
C TYR B 146 1.58 -2.47 -12.67
N SER B 147 2.13 -3.47 -13.32
CA SER B 147 3.32 -3.23 -14.12
C SER B 147 3.40 -4.21 -15.29
N GLN B 148 3.95 -3.74 -16.41
CA GLN B 148 3.92 -4.49 -17.66
C GLN B 148 5.02 -5.54 -17.79
N ASP B 149 4.72 -6.67 -18.42
CA ASP B 149 5.75 -7.68 -18.67
C ASP B 149 6.26 -7.70 -20.11
N LYS B 150 7.12 -8.66 -20.44
CA LYS B 150 7.75 -8.73 -21.75
C LYS B 150 6.82 -9.27 -22.85
N HIS B 151 5.64 -9.72 -22.46
CA HIS B 151 4.59 -10.06 -23.42
C HIS B 151 3.61 -8.91 -23.56
N GLU B 152 3.89 -7.81 -22.84
CA GLU B 152 3.10 -6.57 -22.86
C GLU B 152 1.87 -6.59 -21.91
N TYR B 153 1.64 -7.73 -21.25
CA TYR B 153 0.55 -7.85 -20.30
C TYR B 153 0.85 -7.12 -18.97
N TYR B 154 -0.19 -6.62 -18.32
CA TYR B 154 -0.03 -6.04 -16.99
C TYR B 154 -0.17 -7.11 -15.92
N ARG B 155 0.79 -7.17 -14.99
CA ARG B 155 0.69 -8.03 -13.83
C ARG B 155 0.39 -7.18 -12.61
N GLY B 156 -0.30 -7.75 -11.62
CA GLY B 156 -0.70 -6.99 -10.46
C GLY B 156 -0.92 -7.86 -9.24
N TRP B 157 -1.47 -7.28 -8.18
CA TRP B 157 -1.77 -8.07 -7.00
C TRP B 157 -2.81 -9.14 -7.30
N PHE B 158 -3.95 -8.73 -7.86
CA PHE B 158 -4.97 -9.68 -8.33
C PHE B 158 -5.32 -10.76 -7.32
N TRP B 159 -5.65 -10.35 -6.10
CA TRP B 159 -6.15 -11.26 -5.09
C TRP B 159 -5.19 -12.40 -4.77
N GLY B 160 -3.92 -12.19 -5.08
CA GLY B 160 -2.90 -13.20 -4.82
C GLY B 160 -2.81 -14.33 -5.83
N TYR B 161 -3.39 -14.13 -7.00
CA TYR B 161 -3.24 -15.13 -8.05
C TYR B 161 -2.19 -14.65 -9.04
N GLU B 162 -0.99 -15.21 -8.96
CA GLU B 162 0.15 -14.66 -9.69
C GLU B 162 -0.06 -14.72 -11.20
N GLU B 163 -0.79 -15.75 -11.63
CA GLU B 163 -1.03 -16.02 -13.05
C GLU B 163 -1.84 -14.94 -13.78
N THR B 164 -2.74 -14.27 -13.06
CA THR B 164 -3.65 -13.27 -13.64
C THR B 164 -2.94 -12.21 -14.48
N ARG B 165 -3.50 -11.94 -15.67
CA ARG B 165 -2.98 -10.94 -16.60
C ARG B 165 -4.07 -9.95 -16.97
N GLY B 166 -3.83 -8.66 -16.75
CA GLY B 166 -4.69 -7.66 -17.35
C GLY B 166 -4.18 -7.20 -18.71
N LEU B 167 -5.07 -6.98 -19.65
CA LEU B 167 -4.70 -6.57 -21.01
C LEU B 167 -4.45 -5.07 -21.14
N ASN B 168 -5.14 -4.29 -20.31
CA ASN B 168 -4.99 -2.84 -20.33
C ASN B 168 -5.33 -2.21 -18.98
N VAL B 169 -4.65 -1.13 -18.62
CA VAL B 169 -4.91 -0.47 -17.33
C VAL B 169 -4.90 1.05 -17.42
N SER B 170 -5.94 1.68 -16.90
CA SER B 170 -5.95 3.12 -16.72
C SER B 170 -6.67 3.48 -15.44
N CYS B 171 -6.53 4.73 -15.03
CA CYS B 171 -7.24 5.22 -13.85
C CYS B 171 -8.49 5.97 -14.29
N LEU B 172 -9.55 5.83 -13.50
CA LEU B 172 -10.79 6.58 -13.64
C LEU B 172 -11.00 7.48 -12.43
N SER B 173 -11.11 8.78 -12.64
CA SER B 173 -11.53 9.65 -11.54
C SER B 173 -13.04 9.54 -11.39
N VAL B 174 -13.51 9.46 -10.14
CA VAL B 174 -14.93 9.18 -9.87
C VAL B 174 -15.42 9.90 -8.61
N GLN B 175 -16.72 10.17 -8.52
CA GLN B 175 -17.26 10.83 -7.33
C GLN B 175 -18.41 10.10 -6.60
N GLY B 176 -19.51 9.84 -7.29
CA GLY B 176 -20.75 9.52 -6.60
C GLY B 176 -21.03 8.11 -6.10
N SER B 177 -22.31 7.74 -6.16
CA SER B 177 -22.77 6.37 -5.91
C SER B 177 -22.22 5.39 -6.97
N ALA B 178 -22.12 4.12 -6.59
CA ALA B 178 -21.46 3.10 -7.42
C ALA B 178 -22.07 2.94 -8.81
N SER B 179 -23.36 3.22 -8.94
CA SER B 179 -24.00 3.06 -10.24
C SER B 179 -23.63 4.16 -11.24
N ILE B 180 -22.88 5.17 -10.79
CA ILE B 180 -22.45 6.24 -11.69
C ILE B 180 -21.46 5.74 -12.73
N VAL B 181 -20.89 4.57 -12.48
CA VAL B 181 -19.92 3.97 -13.39
C VAL B 181 -20.58 3.16 -14.52
N ALA B 182 -21.84 2.77 -14.31
CA ALA B 182 -22.57 1.92 -15.25
C ALA B 182 -22.70 2.41 -16.71
N PRO B 183 -23.06 3.69 -16.93
CA PRO B 183 -23.12 4.13 -18.32
C PRO B 183 -21.79 3.99 -19.07
N LEU B 184 -20.69 4.42 -18.46
CA LEU B 184 -19.38 4.31 -19.08
C LEU B 184 -19.02 2.86 -19.36
N LEU B 185 -19.37 1.98 -18.43
CA LEU B 185 -19.08 0.56 -18.57
C LEU B 185 -19.86 -0.06 -19.71
N LEU B 186 -20.96 0.57 -20.10
CA LEU B 186 -21.81 0.08 -21.17
C LEU B 186 -21.48 0.67 -22.55
N ARG B 187 -20.66 1.72 -22.57
CA ARG B 187 -20.22 2.32 -23.83
C ARG B 187 -19.10 1.53 -24.50
N ASN B 188 -18.04 1.22 -23.76
CA ASN B 188 -16.94 0.45 -24.36
C ASN B 188 -17.17 -1.03 -24.11
N THR B 189 -17.68 -1.71 -25.14
CA THR B 189 -18.18 -3.09 -25.00
C THR B 189 -17.12 -4.09 -25.46
N SER B 190 -16.00 -3.54 -25.92
CA SER B 190 -14.86 -4.32 -26.34
C SER B 190 -14.32 -5.16 -25.17
N ALA B 191 -14.67 -4.73 -23.96
CA ALA B 191 -14.16 -5.34 -22.75
C ALA B 191 -15.11 -6.41 -22.24
N ARG B 192 -14.70 -7.66 -22.34
CA ARG B 192 -15.53 -8.78 -21.90
C ARG B 192 -15.54 -8.81 -20.39
N SER B 193 -14.38 -8.54 -19.80
CA SER B 193 -14.25 -8.55 -18.36
C SER B 193 -13.67 -7.23 -17.91
N VAL B 194 -14.16 -6.72 -16.79
CA VAL B 194 -13.71 -5.43 -16.28
C VAL B 194 -13.46 -5.44 -14.76
N MET B 195 -12.33 -4.86 -14.35
CA MET B 195 -12.00 -4.83 -12.94
C MET B 195 -11.90 -3.42 -12.42
N LEU B 196 -12.64 -3.14 -11.35
CA LEU B 196 -12.51 -1.85 -10.70
C LEU B 196 -11.67 -2.01 -9.44
N ASP B 197 -10.42 -1.56 -9.51
CA ASP B 197 -9.55 -1.50 -8.34
C ASP B 197 -9.84 -0.24 -7.53
N ARG B 198 -9.51 -0.27 -6.25
CA ARG B 198 -9.84 0.82 -5.32
C ARG B 198 -11.34 1.09 -5.31
N ALA B 199 -12.14 0.02 -5.35
CA ALA B 199 -13.59 0.13 -5.37
C ALA B 199 -14.16 0.95 -4.22
N GLU B 200 -13.43 1.08 -3.13
CA GLU B 200 -13.94 1.82 -1.98
C GLU B 200 -14.22 3.28 -2.31
N ASN B 201 -13.65 3.78 -3.40
CA ASN B 201 -13.97 5.11 -3.90
C ASN B 201 -15.43 5.31 -4.28
N LEU B 202 -16.15 4.22 -4.58
CA LEU B 202 -17.58 4.30 -4.86
C LEU B 202 -18.42 4.33 -3.59
N LEU B 203 -19.42 5.21 -3.58
CA LEU B 203 -20.36 5.24 -2.47
C LEU B 203 -21.47 4.22 -2.71
N HIS B 204 -22.38 4.06 -1.75
CA HIS B 204 -23.57 3.23 -1.93
C HIS B 204 -24.52 4.01 -2.79
N ASP B 205 -25.48 3.32 -3.40
CA ASP B 205 -26.48 4.06 -4.17
C ASP B 205 -27.40 4.77 -3.19
N HIS B 206 -28.22 3.99 -2.49
CA HIS B 206 -28.98 4.52 -1.36
C HIS B 206 -28.93 3.52 -0.21
N TYR B 207 -28.28 3.90 0.88
CA TYR B 207 -27.90 2.91 1.89
C TYR B 207 -29.06 2.33 2.71
N GLY B 208 -30.02 3.15 3.09
CA GLY B 208 -31.11 2.63 3.91
C GLY B 208 -32.16 1.86 3.15
N GLY B 209 -32.10 1.89 1.81
CA GLY B 209 -33.20 1.48 0.96
C GLY B 209 -33.36 0.02 0.59
N LYS B 210 -34.47 -0.31 -0.08
CA LYS B 210 -34.81 -1.69 -0.42
C LYS B 210 -33.71 -2.38 -1.18
N GLU B 211 -33.22 -1.70 -2.21
CA GLU B 211 -32.19 -2.26 -3.05
C GLU B 211 -30.98 -2.68 -2.22
N TYR B 212 -30.53 -1.78 -1.35
CA TYR B 212 -29.44 -2.11 -0.44
C TYR B 212 -29.79 -3.35 0.37
N TRP B 213 -30.95 -3.30 0.99
CA TRP B 213 -31.35 -4.31 1.94
C TRP B 213 -31.52 -5.65 1.27
N ASP B 214 -31.84 -5.63 -0.02
CA ASP B 214 -31.89 -6.87 -0.78
C ASP B 214 -30.51 -7.50 -0.82
N THR B 215 -29.51 -6.71 -1.21
CA THR B 215 -28.14 -7.19 -1.17
C THR B 215 -27.76 -7.62 0.25
N ARG B 216 -27.93 -6.72 1.20
CA ARG B 216 -27.52 -6.97 2.60
C ARG B 216 -28.16 -8.19 3.24
N ARG B 217 -29.48 -8.32 3.05
CA ARG B 217 -30.22 -9.44 3.62
C ARG B 217 -29.74 -10.73 2.97
N SER B 218 -29.23 -10.60 1.75
CA SER B 218 -28.85 -11.78 0.98
C SER B 218 -27.51 -12.34 1.41
N MET B 219 -26.80 -11.65 2.28
CA MET B 219 -25.48 -12.18 2.64
C MET B 219 -25.67 -12.94 3.93
N VAL B 220 -25.78 -14.26 3.80
CA VAL B 220 -26.07 -15.09 4.94
C VAL B 220 -24.91 -16.03 5.14
N PHE B 221 -24.41 -16.02 6.38
CA PHE B 221 -23.21 -16.75 6.73
C PHE B 221 -23.34 -18.24 6.38
N ALA B 222 -22.23 -18.85 6.00
CA ALA B 222 -22.17 -20.28 5.66
C ALA B 222 -22.73 -21.13 6.80
N ARG B 223 -23.44 -22.19 6.46
CA ARG B 223 -24.14 -22.99 7.46
C ARG B 223 -23.24 -23.37 8.63
N HIS B 224 -22.03 -23.86 8.35
CA HIS B 224 -21.15 -24.36 9.40
C HIS B 224 -20.79 -23.27 10.41
N LEU B 225 -20.82 -22.02 9.96
CA LEU B 225 -20.49 -20.91 10.85
C LEU B 225 -21.61 -20.63 11.85
N ARG B 226 -22.83 -20.55 11.36
CA ARG B 226 -23.97 -20.41 12.25
C ARG B 226 -24.08 -21.64 13.16
N GLU B 227 -23.89 -22.82 12.60
CA GLU B 227 -23.91 -24.06 13.37
C GLU B 227 -22.96 -23.99 14.56
N VAL B 228 -21.79 -23.35 14.37
CA VAL B 228 -20.83 -23.18 15.47
C VAL B 228 -21.32 -22.19 16.51
N GLY B 229 -21.92 -21.10 16.04
CA GLY B 229 -22.41 -20.06 16.92
C GLY B 229 -23.59 -20.51 17.74
N ASP B 230 -24.49 -21.27 17.11
CA ASP B 230 -25.67 -21.78 17.80
C ASP B 230 -25.23 -22.78 18.85
N GLU B 231 -24.22 -23.57 18.52
CA GLU B 231 -23.58 -24.47 19.45
C GLU B 231 -23.05 -23.71 20.67
N PHE B 232 -22.24 -22.67 20.41
CA PHE B 232 -21.75 -21.81 21.48
C PHE B 232 -22.89 -21.19 22.27
N ARG B 233 -23.91 -20.72 21.55
CA ARG B 233 -25.08 -20.13 22.18
C ARG B 233 -25.79 -21.11 23.09
N SER B 234 -26.20 -22.24 22.51
CA SER B 234 -26.90 -23.28 23.24
C SER B 234 -26.17 -23.66 24.51
N ARG B 235 -24.85 -23.76 24.40
CA ARG B 235 -24.04 -24.31 25.48
C ARG B 235 -23.74 -23.28 26.57
N HIS B 236 -22.87 -22.32 26.28
CA HIS B 236 -22.40 -21.36 27.29
C HIS B 236 -23.35 -20.19 27.59
N LEU B 237 -24.18 -19.81 26.63
CA LEU B 237 -25.08 -18.67 26.84
C LEU B 237 -26.51 -19.02 27.20
N ASN B 238 -26.83 -20.32 27.27
CA ASN B 238 -28.19 -20.76 27.52
C ASN B 238 -29.14 -20.07 26.52
N SER B 239 -28.82 -20.20 25.24
CA SER B 239 -29.49 -19.46 24.17
C SER B 239 -29.78 -20.33 22.92
N THR B 240 -31.04 -20.31 22.47
CA THR B 240 -31.43 -21.00 21.24
C THR B 240 -32.44 -20.12 20.52
N ASP B 241 -32.67 -20.35 19.22
CA ASP B 241 -33.63 -19.55 18.48
C ASP B 241 -35.05 -19.62 19.05
N ASP B 242 -35.52 -20.81 19.38
CA ASP B 242 -36.86 -20.99 19.94
C ASP B 242 -36.99 -20.46 21.36
N ALA B 243 -35.88 -20.40 22.08
CA ALA B 243 -35.88 -19.80 23.41
C ALA B 243 -35.78 -18.28 23.34
N ASP B 244 -35.03 -17.78 22.37
CA ASP B 244 -34.80 -16.35 22.22
C ASP B 244 -35.89 -15.75 21.36
N ARG B 245 -36.87 -16.57 21.01
CA ARG B 245 -37.98 -16.15 20.17
C ARG B 245 -37.45 -15.49 18.90
N ILE B 246 -36.53 -16.18 18.23
CA ILE B 246 -35.98 -15.68 16.97
C ILE B 246 -36.15 -16.75 15.93
N PRO B 247 -37.39 -16.90 15.42
CA PRO B 247 -37.65 -17.93 14.40
C PRO B 247 -36.74 -17.70 13.20
N PHE B 248 -36.16 -18.78 12.67
CA PHE B 248 -35.26 -18.62 11.52
C PHE B 248 -35.81 -19.20 10.22
N GLN B 249 -35.39 -18.58 9.13
CA GLN B 249 -35.93 -18.86 7.81
C GLN B 249 -34.77 -18.98 6.81
N GLU B 250 -34.67 -20.15 6.18
CA GLU B 250 -33.59 -20.42 5.23
C GLU B 250 -33.64 -19.51 4.01
N ASP B 251 -34.78 -19.51 3.33
CA ASP B 251 -34.95 -18.68 2.15
C ASP B 251 -35.06 -17.27 2.73
N TRP B 252 -34.10 -16.42 2.41
CA TRP B 252 -34.03 -15.13 3.08
C TRP B 252 -35.02 -14.15 2.46
N MET B 253 -35.50 -14.46 1.25
CA MET B 253 -36.54 -13.65 0.63
C MET B 253 -37.84 -13.87 1.38
N LYS B 254 -38.00 -15.09 1.91
CA LYS B 254 -39.20 -15.49 2.64
C LYS B 254 -39.12 -15.16 4.15
N MET B 255 -38.04 -14.50 4.54
CA MET B 255 -37.92 -14.04 5.92
C MET B 255 -38.26 -12.56 6.02
N LYS B 256 -39.42 -12.27 6.63
CA LYS B 256 -39.76 -10.92 7.04
C LYS B 256 -40.28 -11.00 8.47
N VAL B 257 -39.78 -10.13 9.34
CA VAL B 257 -40.23 -10.10 10.73
C VAL B 257 -40.72 -8.71 11.08
N LYS B 258 -41.79 -8.64 11.88
CA LYS B 258 -42.24 -7.38 12.43
C LYS B 258 -41.14 -6.78 13.31
N LEU B 259 -40.87 -5.49 13.13
CA LEU B 259 -39.81 -4.83 13.88
C LEU B 259 -40.05 -4.90 15.40
N GLY B 260 -39.07 -5.45 16.11
CA GLY B 260 -39.17 -5.63 17.55
C GLY B 260 -39.97 -6.86 17.96
N SER B 261 -39.97 -7.89 17.10
CA SER B 261 -40.62 -9.16 17.43
C SER B 261 -39.65 -10.11 18.09
N ALA B 262 -38.37 -9.76 18.01
CA ALA B 262 -37.31 -10.63 18.47
C ALA B 262 -36.87 -10.29 19.90
N LEU B 263 -36.75 -11.33 20.73
CA LEU B 263 -36.33 -11.16 22.12
C LEU B 263 -34.81 -11.24 22.29
N GLY B 264 -34.24 -12.40 22.02
CA GLY B 264 -32.80 -12.57 22.10
C GLY B 264 -32.44 -13.38 23.33
N GLY B 265 -31.22 -13.93 23.35
CA GLY B 265 -30.76 -14.76 24.45
C GLY B 265 -30.59 -14.04 25.77
N PRO B 266 -30.59 -14.81 26.87
CA PRO B 266 -30.40 -14.26 28.22
C PRO B 266 -28.97 -13.77 28.47
N TYR B 267 -28.47 -12.88 27.61
CA TYR B 267 -27.12 -12.34 27.78
C TYR B 267 -26.95 -10.98 27.11
N LEU B 268 -25.92 -10.27 27.54
CA LEU B 268 -25.55 -9.01 26.93
C LEU B 268 -24.38 -9.24 25.97
N GLY B 269 -24.55 -8.91 24.69
CA GLY B 269 -23.43 -8.93 23.76
C GLY B 269 -22.70 -7.61 23.70
N VAL B 270 -21.36 -7.65 23.68
CA VAL B 270 -20.59 -6.42 23.66
C VAL B 270 -19.46 -6.57 22.65
N HIS B 271 -19.19 -5.49 21.92
CA HIS B 271 -18.03 -5.46 21.04
C HIS B 271 -17.08 -4.33 21.40
N LEU B 272 -15.90 -4.71 21.90
CA LEU B 272 -14.85 -3.75 22.20
C LEU B 272 -13.69 -3.89 21.22
N ARG B 273 -13.54 -2.91 20.33
CA ARG B 273 -12.38 -2.87 19.46
C ARG B 273 -11.29 -2.01 20.10
N ARG B 274 -10.18 -2.62 20.49
CA ARG B 274 -9.11 -1.86 21.12
C ARG B 274 -7.94 -1.53 20.23
N LYS B 275 -7.94 -2.05 19.01
CA LYS B 275 -6.79 -2.01 18.10
C LYS B 275 -6.17 -0.62 17.99
N ASP B 276 -7.02 0.35 17.70
CA ASP B 276 -6.59 1.72 17.43
C ASP B 276 -6.68 2.63 18.65
N PHE B 277 -7.07 2.07 19.79
CA PHE B 277 -7.28 2.87 21.00
C PHE B 277 -6.13 3.82 21.27
N ILE B 278 -4.90 3.31 21.24
CA ILE B 278 -3.75 4.17 21.55
C ILE B 278 -3.20 4.90 20.34
N TRP B 279 -2.74 4.17 19.33
CA TRP B 279 -2.09 4.84 18.22
C TRP B 279 -2.99 5.83 17.50
N GLY B 280 -4.30 5.68 17.69
CA GLY B 280 -5.29 6.58 17.11
C GLY B 280 -5.83 7.61 18.09
N HIS B 281 -5.20 7.70 19.27
CA HIS B 281 -5.51 8.69 20.30
C HIS B 281 -7.00 8.82 20.51
N ARG B 282 -7.69 7.71 20.68
CA ARG B 282 -9.15 7.73 20.62
C ARG B 282 -9.85 8.22 21.88
N GLN B 283 -10.72 9.20 21.72
CA GLN B 283 -11.59 9.69 22.78
C GLN B 283 -13.02 9.14 22.72
N ASP B 284 -13.34 8.39 21.67
CA ASP B 284 -14.69 7.84 21.51
C ASP B 284 -14.77 6.39 21.97
N VAL B 285 -13.68 5.90 22.55
CA VAL B 285 -13.71 4.56 23.12
C VAL B 285 -13.32 4.61 24.58
N PRO B 286 -13.93 3.77 25.40
CA PRO B 286 -13.73 3.77 26.85
C PRO B 286 -12.40 3.14 27.23
N SER B 287 -11.89 3.52 28.39
CA SER B 287 -10.86 2.74 29.07
C SER B 287 -11.51 1.45 29.51
N LEU B 288 -10.71 0.46 29.85
CA LEU B 288 -11.26 -0.84 30.22
C LEU B 288 -12.24 -0.75 31.38
N GLU B 289 -11.90 0.03 32.42
CA GLU B 289 -12.78 0.26 33.57
C GLU B 289 -14.11 0.92 33.16
N GLY B 290 -14.02 1.96 32.33
CA GLY B 290 -15.21 2.64 31.87
C GLY B 290 -16.14 1.69 31.15
N ALA B 291 -15.51 0.79 30.39
CA ALA B 291 -16.23 -0.26 29.70
C ALA B 291 -16.92 -1.16 30.71
N VAL B 292 -16.14 -1.67 31.65
CA VAL B 292 -16.65 -2.67 32.57
C VAL B 292 -17.76 -2.13 33.46
N ARG B 293 -17.60 -0.91 33.95
CA ARG B 293 -18.62 -0.33 34.80
C ARG B 293 -19.90 -0.19 34.00
N LYS B 294 -19.79 0.35 32.78
CA LYS B 294 -20.94 0.48 31.89
C LYS B 294 -21.61 -0.87 31.64
N ILE B 295 -20.80 -1.90 31.48
CA ILE B 295 -21.33 -3.24 31.28
C ILE B 295 -22.16 -3.71 32.48
N ARG B 296 -21.63 -3.53 33.69
CA ARG B 296 -22.33 -4.01 34.88
C ARG B 296 -23.63 -3.26 35.07
N SER B 297 -23.63 -1.98 34.72
CA SER B 297 -24.82 -1.15 34.89
C SER B 297 -25.92 -1.60 33.94
N LEU B 298 -25.51 -1.94 32.72
CA LEU B 298 -26.41 -2.46 31.71
C LEU B 298 -26.98 -3.82 32.08
N MET B 299 -26.13 -4.67 32.66
CA MET B 299 -26.57 -6.01 33.06
C MET B 299 -27.56 -5.89 34.20
N LYS B 300 -27.36 -4.87 35.05
CA LYS B 300 -28.30 -4.61 36.13
C LYS B 300 -29.61 -4.12 35.56
N THR B 301 -29.53 -3.10 34.69
CA THR B 301 -30.73 -2.46 34.13
C THR B 301 -31.61 -3.44 33.37
N HIS B 302 -30.98 -4.20 32.47
CA HIS B 302 -31.66 -5.10 31.55
C HIS B 302 -31.79 -6.54 32.05
N ARG B 303 -31.41 -6.76 33.30
CA ARG B 303 -31.56 -8.07 33.96
C ARG B 303 -30.97 -9.19 33.10
N LEU B 304 -29.65 -9.14 32.90
CA LEU B 304 -28.93 -10.12 32.11
C LEU B 304 -27.87 -10.82 32.95
N ASP B 305 -27.88 -12.15 32.88
CA ASP B 305 -27.07 -13.01 33.75
C ASP B 305 -25.60 -13.06 33.32
N LYS B 306 -25.39 -13.20 32.02
CA LYS B 306 -24.07 -13.50 31.48
C LYS B 306 -23.72 -12.40 30.51
N VAL B 307 -22.45 -12.27 30.18
CA VAL B 307 -22.06 -11.30 29.18
C VAL B 307 -21.08 -11.92 28.19
N PHE B 308 -21.37 -11.81 26.90
CA PHE B 308 -20.49 -12.30 25.85
C PHE B 308 -19.73 -11.16 25.21
N VAL B 309 -18.41 -11.25 25.22
CA VAL B 309 -17.57 -10.17 24.70
C VAL B 309 -16.84 -10.59 23.44
N ALA B 310 -16.99 -9.80 22.38
CA ALA B 310 -16.18 -9.99 21.18
C ALA B 310 -15.17 -8.86 21.12
N THR B 311 -13.90 -9.20 21.19
CA THR B 311 -12.85 -8.18 21.24
C THR B 311 -11.55 -8.62 20.58
N ASP B 312 -10.78 -7.62 20.15
CA ASP B 312 -9.47 -7.83 19.56
C ASP B 312 -8.35 -7.67 20.58
N ALA B 313 -8.72 -7.49 21.86
CA ALA B 313 -7.74 -7.26 22.92
C ALA B 313 -6.67 -8.34 22.97
N VAL B 314 -5.42 -7.89 22.91
CA VAL B 314 -4.23 -8.73 23.08
C VAL B 314 -4.00 -9.06 24.54
N ARG B 315 -3.17 -10.07 24.80
CA ARG B 315 -3.09 -10.69 26.13
C ARG B 315 -3.13 -9.71 27.32
N LYS B 316 -2.15 -8.82 27.49
CA LYS B 316 -2.11 -7.94 28.66
C LYS B 316 -3.47 -7.28 28.94
N GLU B 317 -4.09 -6.73 27.90
CA GLU B 317 -5.41 -6.12 28.05
C GLU B 317 -6.48 -7.14 28.42
N TYR B 318 -6.62 -8.21 27.63
CA TYR B 318 -7.58 -9.27 27.94
C TYR B 318 -7.41 -9.73 29.39
N GLU B 319 -6.16 -9.93 29.81
CA GLU B 319 -5.87 -10.27 31.21
C GLU B 319 -6.56 -9.29 32.17
N GLU B 320 -6.41 -8.01 31.92
CA GLU B 320 -6.95 -6.99 32.80
C GLU B 320 -8.47 -6.97 32.64
N LEU B 321 -8.94 -7.15 31.41
CA LEU B 321 -10.38 -7.17 31.18
C LEU B 321 -10.99 -8.35 31.90
N LYS B 322 -10.23 -9.43 32.03
CA LYS B 322 -10.74 -10.65 32.64
C LYS B 322 -10.88 -10.49 34.17
N LYS B 323 -9.95 -9.77 34.78
CA LYS B 323 -10.00 -9.50 36.22
C LYS B 323 -11.21 -8.64 36.51
N LEU B 324 -11.35 -7.55 35.76
CA LEU B 324 -12.49 -6.67 35.92
C LEU B 324 -13.81 -7.40 35.71
N LEU B 325 -13.86 -8.28 34.71
CA LEU B 325 -15.13 -8.92 34.35
C LEU B 325 -15.00 -10.43 34.25
N PRO B 326 -14.83 -11.10 35.40
CA PRO B 326 -14.66 -12.55 35.45
C PRO B 326 -15.83 -13.32 34.84
N GLU B 327 -17.05 -12.79 34.95
CA GLU B 327 -18.23 -13.49 34.43
C GLU B 327 -18.30 -13.48 32.89
N MET B 328 -17.33 -12.80 32.29
CA MET B 328 -17.25 -12.71 30.84
C MET B 328 -17.01 -14.07 30.19
N VAL B 329 -17.90 -14.44 29.29
CA VAL B 329 -17.64 -15.59 28.46
C VAL B 329 -17.26 -15.09 27.07
N ARG B 330 -16.34 -15.80 26.42
CA ARG B 330 -15.73 -15.33 25.18
C ARG B 330 -15.60 -16.48 24.22
N PHE B 331 -15.43 -16.18 22.93
CA PHE B 331 -15.14 -17.25 21.98
C PHE B 331 -13.64 -17.30 21.67
N GLU B 332 -12.96 -18.29 22.22
CA GLU B 332 -11.52 -18.47 22.00
C GLU B 332 -11.37 -19.77 21.22
N PRO B 333 -11.10 -19.65 19.93
CA PRO B 333 -11.08 -20.87 19.12
C PRO B 333 -9.75 -21.60 19.30
N THR B 334 -9.78 -22.92 19.11
CA THR B 334 -8.56 -23.71 19.16
C THR B 334 -7.72 -23.41 17.93
N TRP B 335 -6.44 -23.76 18.01
CA TRP B 335 -5.51 -23.61 16.90
C TRP B 335 -6.13 -24.16 15.61
N GLU B 336 -6.70 -25.36 15.70
CA GLU B 336 -7.30 -26.03 14.55
C GLU B 336 -8.60 -25.36 14.11
N GLU B 337 -9.32 -24.76 15.06
CA GLU B 337 -10.55 -24.06 14.73
C GLU B 337 -10.26 -22.82 13.91
N LEU B 338 -9.18 -22.12 14.29
CA LEU B 338 -8.80 -20.92 13.59
C LEU B 338 -8.38 -21.25 12.17
N GLU B 339 -7.79 -22.43 12.00
CA GLU B 339 -7.43 -22.92 10.67
C GLU B 339 -8.65 -23.18 9.77
N LEU B 340 -9.62 -23.93 10.29
CA LEU B 340 -10.80 -24.29 9.53
C LEU B 340 -11.61 -23.08 9.07
N TYR B 341 -11.97 -22.22 10.02
CA TYR B 341 -12.92 -21.13 9.80
C TYR B 341 -12.22 -19.90 9.25
N LYS B 342 -10.90 -19.92 9.35
CA LYS B 342 -10.01 -18.79 9.09
C LYS B 342 -10.41 -17.52 9.88
N ASP B 343 -10.07 -16.36 9.35
CA ASP B 343 -10.14 -15.15 10.17
C ASP B 343 -11.54 -14.56 10.21
N GLY B 344 -12.12 -14.42 9.03
CA GLY B 344 -13.44 -13.84 8.90
C GLY B 344 -14.43 -14.81 9.47
N GLY B 345 -14.03 -16.07 9.55
CA GLY B 345 -14.86 -17.09 10.16
C GLY B 345 -15.03 -16.88 11.65
N VAL B 346 -13.90 -16.73 12.34
CA VAL B 346 -13.94 -16.42 13.76
C VAL B 346 -14.73 -15.12 13.98
N ALA B 347 -14.49 -14.13 13.13
CA ALA B 347 -15.21 -12.86 13.21
C ALA B 347 -16.72 -13.03 13.01
N ILE B 348 -17.08 -13.84 12.03
CA ILE B 348 -18.48 -14.03 11.72
C ILE B 348 -19.21 -14.73 12.87
N ILE B 349 -18.55 -15.73 13.44
CA ILE B 349 -19.06 -16.42 14.62
C ILE B 349 -19.33 -15.43 15.77
N ASP B 350 -18.34 -14.60 16.05
CA ASP B 350 -18.45 -13.61 17.11
C ASP B 350 -19.63 -12.70 16.81
N GLN B 351 -19.68 -12.16 15.60
CA GLN B 351 -20.79 -11.31 15.19
C GLN B 351 -22.13 -12.03 15.34
N TRP B 352 -22.20 -13.24 14.82
CA TRP B 352 -23.40 -14.04 14.91
C TRP B 352 -23.89 -14.09 16.36
N ILE B 353 -23.00 -14.52 17.25
CA ILE B 353 -23.32 -14.59 18.67
C ILE B 353 -23.81 -13.26 19.27
N CYS B 354 -23.08 -12.17 19.01
CA CYS B 354 -23.53 -10.85 19.42
C CYS B 354 -24.92 -10.54 18.89
N ALA B 355 -25.16 -10.89 17.64
CA ALA B 355 -26.41 -10.53 16.98
C ALA B 355 -27.64 -11.12 17.68
N HIS B 356 -27.46 -12.22 18.42
CA HIS B 356 -28.56 -12.84 19.15
C HIS B 356 -28.72 -12.47 20.64
N ALA B 357 -27.90 -11.55 21.12
CA ALA B 357 -28.01 -11.09 22.50
C ALA B 357 -29.33 -10.37 22.75
N ARG B 358 -29.84 -10.40 23.97
CA ARG B 358 -31.08 -9.67 24.26
C ARG B 358 -30.80 -8.18 24.08
N PHE B 359 -29.59 -7.78 24.43
CA PHE B 359 -29.17 -6.39 24.30
C PHE B 359 -27.71 -6.33 23.87
N PHE B 360 -27.40 -5.34 23.01
CA PHE B 360 -26.07 -5.20 22.44
C PHE B 360 -25.47 -3.78 22.47
N ILE B 361 -24.17 -3.70 22.78
CA ILE B 361 -23.47 -2.42 22.77
C ILE B 361 -22.11 -2.58 22.08
N GLY B 362 -21.86 -1.71 21.11
CA GLY B 362 -20.68 -1.83 20.26
C GLY B 362 -19.64 -0.74 20.46
N THR B 363 -18.73 -0.64 19.50
CA THR B 363 -17.70 0.37 19.54
C THR B 363 -17.92 1.47 18.47
N SER B 364 -17.61 2.71 18.86
CA SER B 364 -17.76 3.89 18.00
C SER B 364 -17.12 3.72 16.63
N VAL B 365 -17.88 4.02 15.59
CA VAL B 365 -17.46 3.93 14.17
C VAL B 365 -16.72 2.64 13.77
N SER B 366 -17.08 1.54 14.42
CA SER B 366 -16.51 0.25 14.13
C SER B 366 -17.30 -0.48 13.04
N THR B 367 -16.65 -0.79 11.93
CA THR B 367 -17.32 -1.51 10.87
C THR B 367 -17.85 -2.86 11.37
N PHE B 368 -17.05 -3.52 12.20
CA PHE B 368 -17.46 -4.74 12.88
C PHE B 368 -18.79 -4.51 13.60
N SER B 369 -18.91 -3.40 14.32
CA SER B 369 -20.15 -3.11 15.02
C SER B 369 -21.28 -2.87 14.03
N PHE B 370 -21.03 -2.02 13.04
CA PHE B 370 -22.00 -1.79 11.98
C PHE B 370 -22.54 -3.10 11.40
N ARG B 371 -21.65 -4.05 11.14
CA ARG B 371 -22.06 -5.32 10.55
C ARG B 371 -23.01 -6.08 11.47
N ILE B 372 -22.81 -5.91 12.78
CA ILE B 372 -23.69 -6.51 13.78
C ILE B 372 -25.03 -5.78 13.86
N HIS B 373 -24.98 -4.45 13.82
CA HIS B 373 -26.17 -3.61 13.75
C HIS B 373 -27.08 -4.19 12.68
N GLU B 374 -26.57 -4.20 11.44
CA GLU B 374 -27.32 -4.71 10.30
C GLU B 374 -27.90 -6.10 10.55
N GLU B 375 -27.11 -7.00 11.15
CA GLU B 375 -27.57 -8.37 11.36
C GLU B 375 -28.70 -8.43 12.39
N ARG B 376 -28.64 -7.52 13.36
CA ARG B 376 -29.67 -7.46 14.38
C ARG B 376 -31.00 -6.99 13.78
N GLU B 377 -30.95 -5.98 12.92
CA GLU B 377 -32.16 -5.47 12.30
C GLU B 377 -32.82 -6.56 11.46
N ILE B 378 -32.00 -7.44 10.90
CA ILE B 378 -32.44 -8.55 10.07
C ILE B 378 -33.13 -9.65 10.89
N LEU B 379 -32.67 -9.86 12.12
CA LEU B 379 -33.32 -10.80 13.02
C LEU B 379 -34.58 -10.22 13.63
N GLY B 380 -34.67 -8.90 13.65
CA GLY B 380 -35.89 -8.23 14.08
C GLY B 380 -35.86 -7.60 15.46
N LEU B 381 -34.72 -7.75 16.15
CA LEU B 381 -34.55 -7.18 17.49
C LEU B 381 -34.78 -5.67 17.57
N ASP B 382 -35.42 -5.25 18.66
CA ASP B 382 -35.74 -3.85 18.91
C ASP B 382 -34.48 -2.98 18.80
N PRO B 383 -34.56 -1.92 17.96
CA PRO B 383 -33.51 -0.91 17.76
C PRO B 383 -32.93 -0.38 19.06
N LYS B 384 -33.77 -0.11 20.05
CA LYS B 384 -33.26 0.39 21.32
C LYS B 384 -32.21 -0.55 21.90
N THR B 385 -32.28 -1.83 21.52
CA THR B 385 -31.31 -2.83 22.00
C THR B 385 -30.16 -3.06 21.03
N THR B 386 -30.22 -2.43 19.87
CA THR B 386 -29.16 -2.58 18.86
C THR B 386 -28.17 -1.42 18.82
N TYR B 387 -28.65 -0.20 18.54
CA TYR B 387 -27.69 0.84 18.20
C TYR B 387 -27.25 1.56 19.46
N ASN B 388 -26.13 1.06 19.99
CA ASN B 388 -25.55 1.51 21.24
C ASN B 388 -24.03 1.40 21.19
N ARG B 389 -23.33 2.43 21.63
CA ARG B 389 -21.88 2.34 21.68
C ARG B 389 -21.43 2.80 23.02
N PHE B 390 -20.29 2.27 23.46
CA PHE B 390 -19.62 2.80 24.62
C PHE B 390 -19.21 4.24 24.32
N CYS B 391 -19.11 5.04 25.38
CA CYS B 391 -18.71 6.43 25.26
C CYS B 391 -17.27 6.54 25.72
N GLY B 392 -16.55 7.52 25.19
CA GLY B 392 -15.22 7.80 25.74
C GLY B 392 -15.36 8.17 27.19
N ASP B 393 -14.36 7.84 28.00
CA ASP B 393 -14.46 8.13 29.44
C ASP B 393 -14.84 9.58 29.73
N GLN B 394 -14.15 10.51 29.08
CA GLN B 394 -14.49 11.92 29.10
C GLN B 394 -15.21 12.53 27.88
N GLU B 395 -15.76 11.70 27.01
CA GLU B 395 -16.37 12.23 25.77
C GLU B 395 -17.72 12.94 25.97
N LYS B 396 -17.78 14.24 25.67
CA LYS B 396 -18.95 15.07 26.01
C LYS B 396 -20.21 14.87 25.17
N ALA B 397 -20.05 15.01 23.84
CA ALA B 397 -21.15 14.92 22.91
C ALA B 397 -21.68 13.50 22.88
N CYS B 398 -20.78 12.57 22.55
CA CYS B 398 -21.09 11.14 22.51
C CYS B 398 -22.41 10.79 21.83
N GLU B 399 -22.44 10.97 20.51
CA GLU B 399 -23.57 10.56 19.68
C GLU B 399 -23.66 9.03 19.60
N GLN B 400 -24.87 8.51 19.55
CA GLN B 400 -25.08 7.07 19.34
C GLN B 400 -25.18 6.68 17.84
N PRO B 401 -24.93 5.42 17.50
CA PRO B 401 -25.04 5.09 16.08
C PRO B 401 -26.49 5.18 15.59
N THR B 402 -26.64 5.55 14.32
CA THR B 402 -27.93 5.89 13.74
C THR B 402 -28.77 4.66 13.39
N HIS B 403 -30.04 4.66 13.79
CA HIS B 403 -30.91 3.55 13.44
C HIS B 403 -31.21 3.55 11.93
N TRP B 404 -30.85 2.46 11.26
CA TRP B 404 -31.18 2.27 9.85
C TRP B 404 -32.16 1.13 9.71
N LYS B 405 -33.42 1.43 9.44
CA LYS B 405 -34.41 0.37 9.40
C LYS B 405 -34.31 -0.39 8.10
N ILE B 406 -34.66 -1.67 8.14
CA ILE B 406 -34.83 -2.45 6.91
C ILE B 406 -36.08 -1.91 6.22
N THR B 407 -36.02 -1.73 4.91
CA THR B 407 -37.27 -1.56 4.19
C THR B 407 -37.51 -2.82 3.36
N TYR B 408 -38.48 -3.63 3.78
CA TYR B 408 -38.75 -4.90 3.11
C TYR B 408 -39.37 -4.68 1.74
#